data_7DV4
#
_entry.id   7DV4
#
_cell.length_a   75.591
_cell.length_b   110.336
_cell.length_c   134.185
_cell.angle_alpha   90.000
_cell.angle_beta   90.000
_cell.angle_gamma   90.000
#
_symmetry.space_group_name_H-M   'P 21 21 21'
#
loop_
_entity.id
_entity.type
_entity.pdbx_description
1 polymer 'Cytotoxic T-lymphocyte protein 4'
2 polymer 4003-1(VH)
3 non-polymer 1,2-ETHANEDIOL
4 water water
#
loop_
_entity_poly.entity_id
_entity_poly.type
_entity_poly.pdbx_seq_one_letter_code
_entity_poly.pdbx_strand_id
1 'polypeptide(L)'
;KAMHVAQPAVVLASSRGIASFVCEYASPGKATEVRVTVLRQADSQVTEVCAATYMMGNELTFLDDSICTGTSSGNQVNLT
IQGLRAMDTGLYICKVELMYPPPYYLGIGNGTQIYVID
;
A,C,E,G
2 'polypeptide(L)'
;GEVQLVESGGGLIQPGGSLRLSCAVSGFTVSKNYMSWVRQAPGKGLEWVSVVYSGGSKTYADSVKGRFTISRDNSKNTLY
LQMNSLRAEDTAVYYCARAVPHSPSSFDIWGQGTMVTVSS
;
B,D,F,H
#
loop_
_chem_comp.id
_chem_comp.type
_chem_comp.name
_chem_comp.formula
EDO non-polymer 1,2-ETHANEDIOL 'C2 H6 O2'
#
# COMPACT_ATOMS: atom_id res chain seq x y z
N ALA A 2 -5.01 28.32 -14.91
CA ALA A 2 -4.71 26.98 -15.52
C ALA A 2 -3.36 27.04 -16.26
N MET A 3 -2.40 26.26 -15.80
CA MET A 3 -1.08 26.09 -16.45
C MET A 3 -0.97 24.64 -16.96
N HIS A 4 0.05 24.38 -17.76
CA HIS A 4 0.34 23.00 -18.23
C HIS A 4 1.69 22.56 -17.69
N VAL A 5 1.83 21.24 -17.55
CA VAL A 5 3.11 20.60 -17.13
C VAL A 5 3.40 19.46 -18.10
N ALA A 6 4.61 19.44 -18.61
CA ALA A 6 5.11 18.37 -19.50
C ALA A 6 6.22 17.59 -18.81
N GLN A 7 6.17 16.28 -18.92
CA GLN A 7 7.29 15.40 -18.52
C GLN A 7 7.16 14.13 -19.32
N PRO A 8 8.27 13.49 -19.69
CA PRO A 8 8.20 12.34 -20.58
C PRO A 8 7.37 11.22 -19.93
N ALA A 9 6.83 10.35 -20.78
CA ALA A 9 5.94 9.27 -20.32
C ALA A 9 6.78 8.19 -19.62
N VAL A 10 7.90 7.80 -20.22
CA VAL A 10 8.72 6.65 -19.71
C VAL A 10 10.20 7.03 -19.75
N VAL A 11 10.89 6.70 -18.67
CA VAL A 11 12.39 6.81 -18.60
C VAL A 11 12.92 5.50 -18.00
N LEU A 12 14.05 5.03 -18.50
CA LEU A 12 14.73 3.83 -17.96
C LEU A 12 15.97 4.26 -17.20
N ALA A 13 16.24 3.57 -16.10
CA ALA A 13 17.52 3.65 -15.37
C ALA A 13 18.06 2.24 -15.21
N SER A 14 19.38 2.13 -15.07
CA SER A 14 20.08 0.83 -14.98
C SER A 14 20.49 0.57 -13.54
N SER A 15 21.43 -0.35 -13.35
CA SER A 15 22.01 -0.69 -12.01
C SER A 15 22.77 0.51 -11.42
N ARG A 16 23.26 1.43 -12.26
CA ARG A 16 23.90 2.67 -11.75
C ARG A 16 22.90 3.55 -10.99
N GLY A 17 21.59 3.30 -11.17
CA GLY A 17 20.55 3.94 -10.34
C GLY A 17 20.35 5.42 -10.64
N ILE A 18 20.75 5.89 -11.82
CA ILE A 18 20.57 7.32 -12.22
C ILE A 18 19.46 7.43 -13.28
N ALA A 19 18.43 8.20 -12.95
CA ALA A 19 17.34 8.53 -13.89
C ALA A 19 17.24 10.03 -14.06
N SER A 20 17.02 10.45 -15.29
CA SER A 20 16.93 11.89 -15.63
C SER A 20 15.64 12.12 -16.41
N PHE A 21 14.93 13.19 -16.06
CA PHE A 21 13.74 13.63 -16.82
C PHE A 21 13.60 15.12 -16.65
N VAL A 22 12.83 15.70 -17.56
CA VAL A 22 12.59 17.15 -17.59
C VAL A 22 11.13 17.39 -17.22
N CYS A 23 10.90 18.37 -16.35
CA CYS A 23 9.56 18.90 -16.04
C CYS A 23 9.46 20.28 -16.69
N GLU A 24 8.57 20.41 -17.65
CA GLU A 24 8.42 21.64 -18.45
C GLU A 24 7.08 22.25 -18.08
N TYR A 25 7.01 23.57 -18.01
CA TYR A 25 5.79 24.32 -17.64
C TYR A 25 5.78 25.64 -18.40
N ALA A 26 4.58 26.19 -18.60
CA ALA A 26 4.41 27.52 -19.21
C ALA A 26 4.44 28.55 -18.10
N SER A 27 5.43 29.43 -18.12
CA SER A 27 5.55 30.58 -17.17
C SER A 27 4.93 31.81 -17.81
N PRO A 28 3.79 32.34 -17.29
CA PRO A 28 3.24 33.60 -17.76
C PRO A 28 3.80 34.81 -16.99
N GLY A 29 4.96 34.66 -16.36
CA GLY A 29 5.55 35.71 -15.52
C GLY A 29 7.06 35.80 -15.70
N THR A 32 9.62 35.17 -11.85
CA THR A 32 8.70 34.46 -10.93
C THR A 32 9.52 33.50 -10.08
N GLU A 33 8.98 33.21 -8.91
CA GLU A 33 9.58 32.25 -7.95
C GLU A 33 8.84 30.92 -8.07
N VAL A 34 9.61 29.85 -8.15
CA VAL A 34 9.10 28.51 -8.54
C VAL A 34 9.50 27.50 -7.47
N ARG A 35 8.56 26.63 -7.13
CA ARG A 35 8.86 25.39 -6.37
C ARG A 35 8.41 24.21 -7.21
N VAL A 36 9.31 23.27 -7.42
CA VAL A 36 9.01 21.99 -8.07
C VAL A 36 9.22 20.89 -7.03
N THR A 37 8.20 20.07 -6.87
CA THR A 37 8.26 18.90 -5.98
C THR A 37 8.10 17.65 -6.84
N VAL A 38 8.92 16.63 -6.57
CA VAL A 38 8.78 15.30 -7.21
C VAL A 38 8.03 14.39 -6.25
N LEU A 39 6.90 13.85 -6.72
CA LEU A 39 6.05 12.92 -5.94
C LEU A 39 6.14 11.55 -6.58
N ARG A 40 6.22 10.52 -5.74
CA ARG A 40 6.12 9.11 -6.18
C ARG A 40 4.77 8.54 -5.75
N GLN A 41 4.05 7.97 -6.73
CA GLN A 41 2.71 7.37 -6.52
C GLN A 41 2.85 6.04 -5.78
N ALA A 42 2.75 6.07 -4.45
CA ALA A 42 2.68 4.85 -3.62
C ALA A 42 1.22 4.41 -3.57
N ASP A 43 1.00 3.12 -3.36
CA ASP A 43 -0.34 2.51 -3.51
C ASP A 43 -1.34 3.35 -2.71
N SER A 44 -0.99 3.70 -1.47
CA SER A 44 -1.89 4.40 -0.52
C SER A 44 -1.92 5.90 -0.80
N GLN A 45 -0.75 6.54 -0.80
CA GLN A 45 -0.63 8.00 -0.94
C GLN A 45 0.56 8.34 -1.86
N VAL A 46 0.78 9.63 -2.02
CA VAL A 46 1.96 10.14 -2.75
C VAL A 46 3.08 10.35 -1.73
N THR A 47 4.31 10.08 -2.16
CA THR A 47 5.53 10.30 -1.34
C THR A 47 6.31 11.45 -1.96
N GLU A 48 6.70 12.42 -1.13
CA GLU A 48 7.53 13.55 -1.59
C GLU A 48 8.96 13.03 -1.69
N VAL A 49 9.44 12.81 -2.90
CA VAL A 49 10.80 12.24 -3.11
C VAL A 49 11.81 13.35 -2.86
N CYS A 50 11.55 14.53 -3.43
CA CYS A 50 12.46 15.69 -3.33
C CYS A 50 11.72 16.96 -3.75
N ALA A 51 12.31 18.09 -3.39
CA ALA A 51 11.73 19.42 -3.69
C ALA A 51 12.89 20.37 -3.94
N ALA A 52 12.67 21.28 -4.87
CA ALA A 52 13.61 22.35 -5.21
C ALA A 52 12.85 23.65 -5.41
N THR A 53 13.51 24.74 -5.09
CA THR A 53 12.99 26.09 -5.33
C THR A 53 14.10 26.95 -5.93
N TYR A 54 13.70 27.94 -6.68
CA TYR A 54 14.66 28.84 -7.33
C TYR A 54 13.91 30.00 -7.94
N MET A 55 14.63 31.08 -8.16
CA MET A 55 14.17 32.21 -8.99
C MET A 55 14.75 32.04 -10.39
N MET A 56 13.97 32.41 -11.40
CA MET A 56 14.36 32.28 -12.83
C MET A 56 15.77 32.82 -13.04
N GLY A 57 16.63 32.01 -13.67
CA GLY A 57 18.03 32.38 -13.94
C GLY A 57 18.98 31.87 -12.86
N ASN A 58 18.48 31.52 -11.68
CA ASN A 58 19.34 31.06 -10.57
C ASN A 58 19.45 29.54 -10.59
N GLU A 59 20.42 29.02 -9.86
CA GLU A 59 20.58 27.57 -9.66
C GLU A 59 19.48 27.11 -8.72
N LEU A 60 19.19 25.81 -8.73
CA LEU A 60 18.17 25.19 -7.87
C LEU A 60 18.72 25.08 -6.46
N THR A 61 17.86 25.41 -5.50
CA THR A 61 18.08 25.13 -4.07
C THR A 61 17.26 23.88 -3.73
N PHE A 62 17.94 22.83 -3.31
CA PHE A 62 17.29 21.53 -2.97
C PHE A 62 17.11 21.46 -1.47
N LEU A 63 15.86 21.48 -1.04
CA LEU A 63 15.51 21.20 0.38
C LEU A 63 15.94 19.75 0.68
N ASP A 64 15.65 18.86 -0.27
CA ASP A 64 15.94 17.41 -0.15
C ASP A 64 17.44 17.25 0.12
N ASP A 65 17.79 16.19 0.87
CA ASP A 65 19.19 15.88 1.24
C ASP A 65 19.81 14.97 0.17
N SER A 66 20.14 15.57 -0.98
CA SER A 66 21.05 15.01 -2.03
C SER A 66 20.42 13.85 -2.79
N ILE A 67 19.11 13.60 -2.67
CA ILE A 67 18.47 12.51 -3.48
C ILE A 67 18.33 12.99 -4.92
N CYS A 68 17.95 14.24 -5.12
CA CYS A 68 17.75 14.82 -6.48
C CYS A 68 18.77 15.94 -6.70
N THR A 69 19.25 16.03 -7.93
CA THR A 69 20.06 17.15 -8.42
C THR A 69 19.40 17.66 -9.69
N GLY A 70 19.77 18.87 -10.11
CA GLY A 70 19.25 19.40 -11.38
C GLY A 70 19.60 20.83 -11.64
N THR A 71 19.09 21.33 -12.75
CA THR A 71 19.29 22.71 -13.22
C THR A 71 17.98 23.26 -13.77
N SER A 72 17.90 24.59 -13.84
CA SER A 72 16.76 25.31 -14.46
C SER A 72 17.23 25.97 -15.74
N SER A 73 16.42 25.86 -16.77
CA SER A 73 16.72 26.38 -18.13
C SER A 73 15.46 27.07 -18.64
N GLY A 74 15.22 28.28 -18.16
CA GLY A 74 14.03 29.06 -18.54
C GLY A 74 12.78 28.48 -17.90
N ASN A 75 11.93 27.85 -18.70
CA ASN A 75 10.61 27.32 -18.25
C ASN A 75 10.68 25.80 -18.04
N GLN A 76 11.83 25.26 -17.67
CA GLN A 76 11.94 23.82 -17.38
C GLN A 76 12.97 23.62 -16.28
N VAL A 77 12.92 22.44 -15.68
CA VAL A 77 13.96 21.96 -14.74
C VAL A 77 14.41 20.60 -15.23
N ASN A 78 15.73 20.38 -15.23
CA ASN A 78 16.35 19.10 -15.67
C ASN A 78 16.73 18.33 -14.43
N LEU A 79 15.91 17.37 -14.02
CA LEU A 79 16.09 16.66 -12.74
C LEU A 79 16.85 15.37 -12.96
N THR A 80 17.59 14.96 -11.93
CA THR A 80 18.31 13.68 -11.87
C THR A 80 18.04 13.03 -10.53
N ILE A 81 17.54 11.81 -10.55
CA ILE A 81 17.35 11.01 -9.31
C ILE A 81 18.42 9.94 -9.27
N GLN A 82 18.97 9.72 -8.07
CA GLN A 82 20.05 8.71 -7.89
C GLN A 82 19.69 7.82 -6.71
N GLY A 83 20.40 6.69 -6.61
CA GLY A 83 20.13 5.68 -5.58
C GLY A 83 18.95 4.77 -5.91
N LEU A 84 18.43 4.80 -7.14
CA LEU A 84 17.20 4.05 -7.47
C LEU A 84 17.54 2.58 -7.70
N ARG A 85 16.69 1.70 -7.17
CA ARG A 85 16.82 0.24 -7.37
C ARG A 85 15.54 -0.24 -8.04
N ALA A 86 15.50 -1.53 -8.35
CA ALA A 86 14.38 -2.12 -9.12
C ALA A 86 13.06 -1.85 -8.40
N MET A 87 13.01 -1.94 -7.07
CA MET A 87 11.72 -1.80 -6.35
C MET A 87 11.34 -0.32 -6.21
N ASP A 88 12.18 0.60 -6.65
CA ASP A 88 11.83 2.04 -6.70
C ASP A 88 11.13 2.38 -8.03
N THR A 89 10.96 1.40 -8.92
CA THR A 89 10.20 1.57 -10.17
C THR A 89 8.81 2.08 -9.82
N GLY A 90 8.38 3.12 -10.51
CA GLY A 90 7.04 3.65 -10.30
C GLY A 90 6.80 4.93 -11.04
N LEU A 91 5.69 5.56 -10.74
CA LEU A 91 5.27 6.81 -11.43
C LEU A 91 5.75 8.00 -10.60
N TYR A 92 6.63 8.80 -11.18
CA TYR A 92 7.17 10.01 -10.52
C TYR A 92 6.52 11.26 -11.09
N ILE A 93 5.76 11.96 -10.26
CA ILE A 93 4.94 13.13 -10.65
C ILE A 93 5.63 14.39 -10.12
N CYS A 94 5.84 15.37 -10.98
CA CYS A 94 6.40 16.65 -10.51
C CYS A 94 5.26 17.65 -10.39
N LYS A 95 5.18 18.26 -9.22
CA LYS A 95 4.22 19.34 -8.94
C LYS A 95 4.98 20.64 -9.11
N VAL A 96 4.44 21.52 -9.95
CA VAL A 96 5.06 22.85 -10.23
C VAL A 96 4.18 23.93 -9.60
N GLU A 97 4.82 24.75 -8.76
CA GLU A 97 4.13 25.90 -8.11
C GLU A 97 4.85 27.17 -8.55
N LEU A 98 4.13 28.05 -9.26
CA LEU A 98 4.60 29.44 -9.55
C LEU A 98 4.04 30.34 -8.44
N MET A 99 4.90 30.73 -7.50
CA MET A 99 4.46 31.23 -6.18
C MET A 99 4.33 32.75 -6.14
N TYR A 100 5.20 33.48 -6.84
CA TYR A 100 5.26 34.95 -6.73
C TYR A 100 6.01 35.48 -7.93
N PRO A 101 5.61 36.62 -8.53
CA PRO A 101 4.44 37.40 -8.14
C PRO A 101 3.10 36.72 -8.40
N PRO A 102 2.02 37.14 -7.69
CA PRO A 102 0.70 36.55 -7.91
C PRO A 102 0.27 36.79 -9.34
N PRO A 103 -0.72 36.03 -9.88
CA PRO A 103 -1.42 34.96 -9.15
C PRO A 103 -0.55 33.72 -8.91
N TYR A 104 -0.89 32.95 -7.87
CA TYR A 104 -0.30 31.63 -7.59
C TYR A 104 -0.85 30.64 -8.62
N TYR A 105 0.04 29.81 -9.14
CA TYR A 105 -0.30 28.75 -10.13
C TYR A 105 0.17 27.41 -9.58
N LEU A 106 -0.66 26.38 -9.82
CA LEU A 106 -0.35 24.99 -9.43
C LEU A 106 -0.56 24.11 -10.66
N GLY A 107 0.46 23.34 -11.01
CA GLY A 107 0.33 22.35 -12.07
C GLY A 107 0.79 20.97 -11.61
N ILE A 108 0.02 19.96 -12.00
CA ILE A 108 0.41 18.54 -11.77
C ILE A 108 0.58 17.87 -13.13
N GLY A 109 1.74 17.26 -13.33
CA GLY A 109 2.04 16.50 -14.56
C GLY A 109 1.42 15.13 -14.55
N ASN A 110 1.42 14.49 -15.69
CA ASN A 110 0.93 13.10 -15.83
C ASN A 110 1.81 12.14 -15.05
N GLY A 111 3.05 12.53 -14.79
CA GLY A 111 4.02 11.65 -14.12
C GLY A 111 4.89 10.96 -15.14
N THR A 112 6.14 10.73 -14.75
CA THR A 112 7.09 9.96 -15.58
C THR A 112 7.22 8.57 -14.97
N GLN A 113 6.88 7.55 -15.72
CA GLN A 113 7.13 6.15 -15.29
C GLN A 113 8.61 5.84 -15.43
N ILE A 114 9.25 5.53 -14.29
CA ILE A 114 10.69 5.18 -14.25
C ILE A 114 10.80 3.66 -14.03
N TYR A 115 11.26 2.97 -15.06
CA TYR A 115 11.62 1.53 -14.96
C TYR A 115 13.12 1.41 -14.65
N VAL A 116 13.42 0.81 -13.50
CA VAL A 116 14.80 0.59 -13.11
C VAL A 116 15.13 -0.85 -13.39
N ILE A 117 16.14 -1.09 -14.22
CA ILE A 117 16.52 -2.45 -14.56
C ILE A 117 17.77 -2.87 -13.80
N ASP A 118 17.64 -3.95 -13.04
CA ASP A 118 18.74 -4.49 -12.23
C ASP A 118 19.42 -3.41 -11.40
N GLU B 2 20.34 17.33 9.67
CA GLU B 2 19.99 17.65 11.10
C GLU B 2 19.72 19.14 11.24
N VAL B 3 18.65 19.60 10.60
CA VAL B 3 18.32 21.06 10.50
C VAL B 3 17.80 21.53 11.86
N GLN B 4 18.17 22.75 12.24
CA GLN B 4 17.70 23.38 13.50
C GLN B 4 17.33 24.84 13.23
N LEU B 5 16.27 25.31 13.89
CA LEU B 5 15.84 26.71 13.83
C LEU B 5 15.72 27.22 15.27
N VAL B 6 16.62 28.12 15.65
CA VAL B 6 16.67 28.67 17.03
C VAL B 6 16.19 30.12 16.99
N GLU B 7 15.21 30.43 17.82
CA GLU B 7 14.57 31.77 17.84
C GLU B 7 15.00 32.51 19.10
N SER B 8 14.85 33.82 19.06
CA SER B 8 15.19 34.73 20.16
C SER B 8 14.66 36.12 19.83
N GLY B 9 14.78 37.04 20.78
CA GLY B 9 14.42 38.45 20.59
C GLY B 9 12.99 38.75 20.94
N GLY B 10 12.29 37.79 21.57
CA GLY B 10 10.88 37.98 21.95
C GLY B 10 10.72 38.26 23.43
N GLY B 11 9.72 39.07 23.78
CA GLY B 11 9.39 39.35 25.18
C GLY B 11 8.25 40.32 25.30
N LEU B 12 8.28 41.14 26.35
CA LEU B 12 7.27 42.20 26.57
C LEU B 12 7.82 43.52 26.03
N ILE B 13 6.93 44.36 25.53
CA ILE B 13 7.29 45.66 24.93
C ILE B 13 6.07 46.55 25.09
N GLN B 14 6.32 47.84 25.25
CA GLN B 14 5.24 48.86 25.29
C GLN B 14 4.66 49.01 23.89
N PRO B 15 3.36 49.32 23.76
CA PRO B 15 2.80 49.70 22.47
C PRO B 15 3.53 50.90 21.85
N GLY B 16 3.70 50.88 20.53
CA GLY B 16 4.49 51.89 19.80
C GLY B 16 5.96 51.56 19.76
N GLY B 17 6.41 50.55 20.51
CA GLY B 17 7.83 50.16 20.55
C GLY B 17 8.22 49.24 19.41
N SER B 18 9.46 48.77 19.46
CA SER B 18 10.10 47.99 18.36
C SER B 18 10.85 46.80 18.94
N LEU B 19 10.75 45.66 18.26
CA LEU B 19 11.59 44.49 18.57
C LEU B 19 12.24 44.00 17.28
N ARG B 20 13.25 43.16 17.44
CA ARG B 20 13.84 42.39 16.33
C ARG B 20 13.93 40.92 16.72
N LEU B 21 13.17 40.06 16.02
CA LEU B 21 13.25 38.59 16.23
C LEU B 21 14.34 38.04 15.34
N SER B 22 15.07 37.06 15.85
CA SER B 22 16.18 36.42 15.10
C SER B 22 15.90 34.92 15.03
N CYS B 23 16.13 34.34 13.85
CA CYS B 23 15.96 32.89 13.60
C CYS B 23 17.34 32.36 13.18
N ALA B 24 18.07 31.80 14.13
CA ALA B 24 19.40 31.21 13.89
C ALA B 24 19.22 29.84 13.22
N VAL B 25 19.68 29.74 11.98
CA VAL B 25 19.46 28.54 11.13
C VAL B 25 20.77 27.80 11.00
N SER B 26 20.72 26.49 11.23
CA SER B 26 21.85 25.54 10.97
C SER B 26 21.30 24.34 10.21
N GLY B 27 21.73 24.15 8.96
CA GLY B 27 21.26 23.03 8.13
C GLY B 27 21.13 23.42 6.68
N PHE B 28 20.61 24.61 6.39
CA PHE B 28 20.47 25.11 5.00
C PHE B 28 20.94 26.55 4.95
N THR B 29 21.28 26.99 3.74
CA THR B 29 21.69 28.38 3.49
C THR B 29 20.45 29.27 3.41
N VAL B 30 20.34 30.24 4.32
CA VAL B 30 19.16 31.12 4.40
C VAL B 30 19.07 32.00 3.16
N SER B 31 20.23 32.38 2.61
CA SER B 31 20.29 33.34 1.47
C SER B 31 19.72 32.71 0.19
N LYS B 32 19.70 31.38 0.11
CA LYS B 32 19.25 30.69 -1.13
C LYS B 32 17.95 29.91 -0.90
N ASN B 33 17.35 30.03 0.29
CA ASN B 33 16.06 29.38 0.61
C ASN B 33 14.97 30.42 0.77
N TYR B 34 13.74 29.97 0.81
CA TYR B 34 12.58 30.78 1.22
C TYR B 34 12.36 30.54 2.70
N MET B 35 11.79 31.54 3.37
CA MET B 35 11.41 31.45 4.80
C MET B 35 10.25 32.40 5.05
N SER B 36 9.50 32.12 6.10
CA SER B 36 8.32 32.89 6.47
C SER B 36 8.35 33.16 7.97
N TRP B 37 7.69 34.25 8.36
CA TRP B 37 7.38 34.56 9.76
C TRP B 37 5.89 34.38 9.92
N VAL B 38 5.52 33.47 10.82
CA VAL B 38 4.09 33.14 11.07
C VAL B 38 3.82 33.29 12.56
N ARG B 39 2.69 33.89 12.87
CA ARG B 39 2.30 34.11 14.28
C ARG B 39 0.91 33.51 14.52
N GLN B 40 0.67 33.09 15.75
CA GLN B 40 -0.67 32.58 16.19
C GLN B 40 -1.10 33.31 17.45
N ALA B 41 -2.02 34.26 17.30
CA ALA B 41 -2.63 34.97 18.44
C ALA B 41 -3.51 33.98 19.19
N PRO B 42 -3.53 34.04 20.56
CA PRO B 42 -4.36 33.14 21.35
C PRO B 42 -5.80 33.12 20.85
N GLY B 43 -6.35 31.91 20.67
CA GLY B 43 -7.75 31.70 20.26
C GLY B 43 -7.96 31.85 18.75
N LYS B 44 -6.87 31.77 17.96
CA LYS B 44 -6.96 31.92 16.49
C LYS B 44 -5.98 30.97 15.81
N GLY B 45 -6.07 30.90 14.49
CA GLY B 45 -5.12 30.14 13.67
C GLY B 45 -3.89 30.94 13.32
N LEU B 46 -2.95 30.31 12.64
CA LEU B 46 -1.70 30.98 12.21
C LEU B 46 -2.02 32.13 11.27
N GLU B 47 -1.15 33.14 11.28
CA GLU B 47 -1.20 34.28 10.33
C GLU B 47 0.20 34.49 9.76
N TRP B 48 0.28 34.43 8.44
CA TRP B 48 1.56 34.59 7.71
C TRP B 48 1.78 36.08 7.52
N VAL B 49 2.72 36.65 8.27
CA VAL B 49 2.87 38.14 8.35
C VAL B 49 3.92 38.61 7.34
N SER B 50 4.90 37.78 7.04
CA SER B 50 5.89 38.14 6.01
C SER B 50 6.49 36.88 5.40
N VAL B 51 6.82 37.00 4.12
CA VAL B 51 7.50 35.92 3.37
C VAL B 51 8.69 36.55 2.63
N VAL B 52 9.79 35.82 2.60
CA VAL B 52 10.91 36.11 1.66
C VAL B 52 11.14 34.84 0.84
N TYR B 53 11.19 35.01 -0.48
CA TYR B 53 11.43 33.90 -1.44
C TYR B 53 12.91 33.79 -1.72
N SER B 54 13.30 32.72 -2.41
CA SER B 54 14.73 32.35 -2.60
C SER B 54 15.53 33.52 -3.19
N GLY B 55 14.92 34.29 -4.10
CA GLY B 55 15.63 35.34 -4.86
C GLY B 55 15.57 36.70 -4.18
N GLY B 56 15.05 36.77 -2.96
CA GLY B 56 15.06 38.01 -2.14
C GLY B 56 13.72 38.72 -2.13
N SER B 57 12.80 38.38 -3.04
CA SER B 57 11.48 39.03 -3.11
C SER B 57 10.73 38.87 -1.78
N LYS B 58 10.02 39.91 -1.35
CA LYS B 58 9.44 39.98 0.00
C LYS B 58 8.00 40.41 -0.10
N THR B 59 7.13 39.74 0.65
CA THR B 59 5.72 40.16 0.84
C THR B 59 5.42 40.33 2.32
N TYR B 60 4.35 41.04 2.60
CA TYR B 60 3.88 41.30 3.98
C TYR B 60 2.36 41.22 3.98
N ALA B 61 1.78 40.80 5.10
CA ALA B 61 0.32 40.87 5.31
C ALA B 61 -0.11 42.33 5.42
N ASP B 62 -1.33 42.62 5.00
CA ASP B 62 -1.87 44.00 5.01
C ASP B 62 -1.86 44.56 6.44
N SER B 63 -2.11 43.73 7.45
CA SER B 63 -2.17 44.14 8.86
C SER B 63 -0.79 44.56 9.37
N VAL B 64 0.24 44.45 8.54
CA VAL B 64 1.63 44.48 9.04
C VAL B 64 2.50 45.33 8.11
N LYS B 65 2.01 45.58 6.89
CA LYS B 65 2.78 46.32 5.85
C LYS B 65 3.19 47.70 6.38
N GLY B 66 4.42 48.09 6.06
CA GLY B 66 4.97 49.38 6.51
C GLY B 66 5.46 49.35 7.95
N ARG B 67 5.25 48.26 8.69
CA ARG B 67 5.58 48.16 10.14
C ARG B 67 6.63 47.09 10.39
N PHE B 68 6.61 45.98 9.63
CA PHE B 68 7.60 44.88 9.81
C PHE B 68 8.49 44.81 8.59
N THR B 69 9.65 44.23 8.78
CA THR B 69 10.68 44.09 7.75
C THR B 69 11.35 42.76 7.97
N ILE B 70 11.20 41.88 6.99
CA ILE B 70 11.91 40.58 7.02
C ILE B 70 13.26 40.83 6.36
N SER B 71 14.28 40.15 6.82
CA SER B 71 15.64 40.26 6.24
C SER B 71 16.42 39.02 6.57
N ARG B 72 17.47 38.76 5.81
CA ARG B 72 18.33 37.58 6.02
C ARG B 72 19.78 38.05 5.95
N ASP B 73 20.57 37.63 6.93
CA ASP B 73 22.03 37.92 6.99
C ASP B 73 22.75 36.64 6.58
N ASN B 74 23.54 36.73 5.51
CA ASN B 74 24.24 35.56 4.93
C ASN B 74 25.40 35.17 5.85
N SER B 75 26.19 36.15 6.28
CA SER B 75 27.43 35.91 7.08
C SER B 75 27.08 35.22 8.40
N LYS B 76 25.86 35.41 8.91
CA LYS B 76 25.44 34.80 10.21
C LYS B 76 24.34 33.75 10.01
N ASN B 77 23.93 33.50 8.76
CA ASN B 77 22.90 32.48 8.38
C ASN B 77 21.68 32.61 9.31
N THR B 78 21.11 33.80 9.33
CA THR B 78 20.04 34.16 10.29
C THR B 78 18.93 34.88 9.57
N LEU B 79 17.71 34.66 10.05
CA LEU B 79 16.49 35.34 9.54
C LEU B 79 15.98 36.29 10.61
N TYR B 80 15.75 37.54 10.23
CA TYR B 80 15.32 38.60 11.16
C TYR B 80 13.92 39.06 10.82
N LEU B 81 13.16 39.41 11.85
CA LEU B 81 11.89 40.14 11.67
C LEU B 81 11.97 41.39 12.51
N GLN B 82 12.18 42.54 11.86
CA GLN B 82 12.14 43.83 12.54
C GLN B 82 10.67 44.19 12.70
N MET B 83 10.21 44.35 13.94
CA MET B 83 8.83 44.76 14.25
C MET B 83 8.86 46.17 14.82
N ASN B 84 7.91 46.99 14.39
CA ASN B 84 7.86 48.44 14.73
C ASN B 84 6.41 48.84 14.92
N SER B 85 6.20 49.91 15.69
CA SER B 85 4.87 50.55 15.92
C SER B 85 3.86 49.52 16.42
N LEU B 86 4.29 48.66 17.35
CA LEU B 86 3.51 47.45 17.75
C LEU B 86 2.22 47.89 18.43
N ARG B 87 1.14 47.17 18.15
CA ARG B 87 -0.20 47.35 18.77
C ARG B 87 -0.57 46.07 19.51
N ALA B 88 -1.72 46.08 20.19
CA ALA B 88 -2.19 44.95 21.02
C ALA B 88 -2.39 43.70 20.13
N GLU B 89 -2.83 43.89 18.89
CA GLU B 89 -3.15 42.76 17.97
C GLU B 89 -1.88 41.98 17.61
N ASP B 90 -0.69 42.54 17.84
CA ASP B 90 0.59 41.86 17.50
C ASP B 90 0.97 40.86 18.58
N THR B 91 0.17 40.75 19.64
CA THR B 91 0.42 39.76 20.71
C THR B 91 0.18 38.38 20.11
N ALA B 92 1.21 37.53 20.11
CA ALA B 92 1.12 36.17 19.54
C ALA B 92 2.42 35.44 19.79
N VAL B 93 2.43 34.16 19.48
CA VAL B 93 3.68 33.37 19.39
C VAL B 93 4.15 33.49 17.95
N TYR B 94 5.39 33.94 17.78
CA TYR B 94 5.98 34.18 16.44
C TYR B 94 6.89 33.02 16.11
N TYR B 95 6.65 32.41 14.93
CA TYR B 95 7.44 31.27 14.44
C TYR B 95 8.18 31.70 13.17
N CYS B 96 9.40 31.22 13.03
CA CYS B 96 10.09 31.20 11.73
C CYS B 96 9.97 29.78 11.15
N ALA B 97 9.84 29.70 9.84
CA ALA B 97 9.68 28.40 9.16
C ALA B 97 10.24 28.47 7.75
N ARG B 98 10.92 27.41 7.33
CA ARG B 98 11.19 27.19 5.90
C ARG B 98 9.94 26.57 5.30
N ALA B 99 8.95 27.41 5.06
CA ALA B 99 7.65 27.04 4.48
C ALA B 99 7.10 28.24 3.74
N VAL B 100 6.07 28.01 2.95
CA VAL B 100 5.41 29.06 2.15
C VAL B 100 3.93 28.94 2.43
N PRO B 101 3.18 30.07 2.47
CA PRO B 101 1.76 30.02 2.80
C PRO B 101 0.88 29.29 1.77
N HIS B 102 1.37 29.12 0.56
CA HIS B 102 0.54 28.58 -0.56
C HIS B 102 0.13 27.12 -0.25
N SER B 103 1.09 26.27 0.08
CA SER B 103 0.82 24.85 0.31
C SER B 103 1.91 24.29 1.20
N PRO B 104 1.57 23.36 2.11
CA PRO B 104 2.56 22.75 2.98
C PRO B 104 3.41 21.72 2.23
N SER B 105 4.43 21.22 2.90
CA SER B 105 5.39 20.28 2.32
C SER B 105 6.02 19.43 3.43
N SER B 106 6.37 18.19 3.10
CA SER B 106 7.08 17.27 4.03
C SER B 106 8.43 17.89 4.40
N PHE B 107 8.96 18.78 3.57
CA PHE B 107 10.28 19.44 3.84
C PHE B 107 10.09 20.74 4.62
N ASP B 108 8.87 21.12 4.98
CA ASP B 108 8.61 22.28 5.86
C ASP B 108 9.32 22.04 7.20
N ILE B 109 10.03 23.05 7.69
CA ILE B 109 10.71 22.99 9.01
C ILE B 109 10.32 24.23 9.80
N TRP B 110 9.88 24.02 11.04
CA TRP B 110 9.34 25.08 11.91
C TRP B 110 10.22 25.26 13.13
N GLY B 111 10.47 26.51 13.50
CA GLY B 111 11.10 26.84 14.78
C GLY B 111 10.16 26.54 15.92
N GLN B 112 10.71 26.55 17.14
CA GLN B 112 9.95 26.18 18.38
C GLN B 112 8.96 27.29 18.76
N GLY B 113 9.13 28.50 18.22
CA GLY B 113 8.25 29.64 18.52
C GLY B 113 8.76 30.46 19.68
N THR B 114 8.54 31.77 19.63
CA THR B 114 8.89 32.71 20.72
C THR B 114 7.74 33.69 20.88
N MET B 115 7.44 34.01 22.14
CA MET B 115 6.22 34.78 22.52
C MET B 115 6.56 36.26 22.52
N VAL B 116 5.71 37.05 21.87
CA VAL B 116 5.77 38.53 21.92
C VAL B 116 4.46 39.00 22.51
N THR B 117 4.54 39.78 23.58
CA THR B 117 3.37 40.28 24.32
C THR B 117 3.29 41.79 24.17
N VAL B 118 2.11 42.30 23.87
CA VAL B 118 1.84 43.75 23.84
C VAL B 118 0.84 44.08 24.94
N SER B 119 1.35 44.66 26.01
CA SER B 119 0.54 45.11 27.18
C SER B 119 0.89 46.57 27.43
N SER B 120 -0.14 47.41 27.51
CA SER B 120 0.00 48.87 27.78
C SER B 120 0.40 49.07 29.24
N LYS C 1 15.38 -27.75 6.92
CA LYS C 1 14.56 -28.13 5.73
C LYS C 1 14.30 -26.88 4.90
N ALA C 2 15.37 -26.21 4.47
CA ALA C 2 15.29 -25.02 3.61
C ALA C 2 15.77 -25.37 2.20
N MET C 3 15.01 -24.91 1.20
CA MET C 3 15.43 -25.00 -0.22
C MET C 3 15.72 -23.60 -0.72
N HIS C 4 16.39 -23.52 -1.86
CA HIS C 4 16.62 -22.22 -2.55
C HIS C 4 15.70 -22.10 -3.77
N VAL C 5 15.36 -20.86 -4.10
CA VAL C 5 14.56 -20.52 -5.31
C VAL C 5 15.23 -19.35 -6.03
N ALA C 6 15.36 -19.46 -7.35
CA ALA C 6 16.05 -18.48 -8.19
C ALA C 6 15.09 -18.00 -9.28
N GLN C 7 14.99 -16.69 -9.43
CA GLN C 7 14.25 -16.04 -10.52
C GLN C 7 14.86 -14.66 -10.77
N PRO C 8 14.76 -14.14 -11.99
CA PRO C 8 15.38 -12.84 -12.28
C PRO C 8 14.61 -11.73 -11.59
N ALA C 9 15.36 -10.69 -11.23
CA ALA C 9 14.82 -9.50 -10.55
C ALA C 9 13.93 -8.72 -11.52
N VAL C 10 14.34 -8.64 -12.78
CA VAL C 10 13.64 -7.82 -13.80
C VAL C 10 13.49 -8.63 -15.08
N VAL C 11 12.31 -8.61 -15.65
CA VAL C 11 12.05 -9.17 -17.00
C VAL C 11 11.39 -8.08 -17.85
N LEU C 12 11.86 -7.96 -19.09
CA LEU C 12 11.26 -7.01 -20.05
C LEU C 12 10.20 -7.73 -20.87
N ALA C 13 9.09 -7.06 -21.15
CA ALA C 13 8.02 -7.58 -22.02
C ALA C 13 7.87 -6.66 -23.21
N SER C 14 7.44 -7.23 -24.32
CA SER C 14 7.11 -6.50 -25.58
C SER C 14 5.77 -5.79 -25.41
N SER C 15 5.35 -5.08 -26.46
CA SER C 15 3.98 -4.47 -26.54
C SER C 15 2.90 -5.56 -26.50
N ARG C 16 3.20 -6.76 -26.99
CA ARG C 16 2.25 -7.91 -26.98
C ARG C 16 1.95 -8.37 -25.55
N GLY C 17 2.72 -7.94 -24.55
CA GLY C 17 2.42 -8.21 -23.14
C GLY C 17 2.79 -9.62 -22.75
N ILE C 18 3.83 -10.18 -23.37
CA ILE C 18 4.30 -11.57 -23.09
C ILE C 18 5.71 -11.51 -22.50
N ALA C 19 5.88 -12.11 -21.33
CA ALA C 19 7.18 -12.19 -20.66
C ALA C 19 7.49 -13.64 -20.35
N SER C 20 8.75 -13.99 -20.49
CA SER C 20 9.26 -15.32 -20.18
C SER C 20 10.38 -15.19 -19.15
N PHE C 21 10.33 -16.00 -18.11
CA PHE C 21 11.41 -16.11 -17.11
C PHE C 21 11.42 -17.53 -16.54
N VAL C 22 12.56 -17.84 -15.94
CA VAL C 22 12.85 -19.16 -15.36
C VAL C 22 12.77 -19.07 -13.85
N CYS C 23 12.08 -20.02 -13.21
CA CYS C 23 12.14 -20.26 -11.77
C CYS C 23 12.92 -21.54 -11.52
N GLU C 24 14.05 -21.40 -10.84
CA GLU C 24 15.01 -22.50 -10.61
C GLU C 24 15.02 -22.81 -9.12
N TYR C 25 15.12 -24.08 -8.79
CA TYR C 25 15.17 -24.57 -7.39
C TYR C 25 16.13 -25.75 -7.30
N ALA C 26 16.47 -26.11 -6.07
CA ALA C 26 17.42 -27.21 -5.77
C ALA C 26 16.84 -28.51 -6.30
N THR C 32 9.88 -37.12 -7.09
CA THR C 32 9.33 -35.99 -6.30
C THR C 32 8.30 -35.21 -7.10
N GLU C 33 7.17 -34.96 -6.46
CA GLU C 33 6.05 -34.22 -7.08
C GLU C 33 6.21 -32.75 -6.72
N VAL C 34 6.14 -31.90 -7.73
CA VAL C 34 6.38 -30.44 -7.58
C VAL C 34 5.09 -29.69 -7.93
N ARG C 35 4.77 -28.67 -7.13
CA ARG C 35 3.84 -27.62 -7.57
C ARG C 35 4.56 -26.28 -7.59
N VAL C 36 4.49 -25.57 -8.70
CA VAL C 36 5.03 -24.19 -8.82
C VAL C 36 3.85 -23.24 -8.95
N THR C 37 3.79 -22.26 -8.07
CA THR C 37 2.72 -21.26 -8.07
C THR C 37 3.33 -19.88 -8.29
N VAL C 38 2.73 -19.10 -9.16
CA VAL C 38 3.15 -17.69 -9.40
C VAL C 38 2.22 -16.81 -8.61
N LEU C 39 2.77 -16.12 -7.62
CA LEU C 39 2.01 -15.19 -6.75
C LEU C 39 2.34 -13.76 -7.19
N ARG C 40 1.31 -12.93 -7.27
CA ARG C 40 1.47 -11.50 -7.62
C ARG C 40 1.27 -10.69 -6.36
N GLN C 41 2.37 -10.12 -5.84
CA GLN C 41 2.35 -9.22 -4.67
C GLN C 41 2.09 -7.81 -5.18
N ALA C 42 1.09 -7.16 -4.60
CA ALA C 42 0.73 -5.76 -4.91
C ALA C 42 -0.27 -5.28 -3.88
N ASP C 43 -0.18 -3.99 -3.51
CA ASP C 43 -1.19 -3.29 -2.66
C ASP C 43 -1.26 -3.98 -1.29
N SER C 44 -0.12 -4.52 -0.83
CA SER C 44 -0.02 -5.36 0.39
C SER C 44 -1.01 -6.53 0.33
N GLN C 45 -1.35 -6.98 -0.87
CA GLN C 45 -2.16 -8.22 -1.10
C GLN C 45 -1.37 -9.17 -1.97
N VAL C 46 -1.78 -10.43 -1.98
CA VAL C 46 -1.17 -11.46 -2.84
C VAL C 46 -2.28 -12.21 -3.57
N THR C 47 -2.21 -12.28 -4.90
CA THR C 47 -3.15 -13.08 -5.72
C THR C 47 -2.35 -14.15 -6.45
N GLU C 48 -2.92 -15.35 -6.54
CA GLU C 48 -2.33 -16.43 -7.34
C GLU C 48 -2.62 -16.13 -8.80
N VAL C 49 -1.58 -15.98 -9.61
CA VAL C 49 -1.75 -15.71 -11.05
C VAL C 49 -1.98 -17.05 -11.73
N CYS C 50 -1.20 -18.06 -11.37
CA CYS C 50 -1.29 -19.40 -11.98
C CYS C 50 -0.53 -20.40 -11.12
N ALA C 51 -0.76 -21.67 -11.38
CA ALA C 51 -0.08 -22.77 -10.71
C ALA C 51 0.05 -23.93 -11.67
N ALA C 52 1.16 -24.65 -11.55
CA ALA C 52 1.43 -25.84 -12.37
C ALA C 52 2.01 -26.92 -11.47
N THR C 53 1.78 -28.17 -11.85
CA THR C 53 2.27 -29.32 -11.10
C THR C 53 2.82 -30.33 -12.10
N TYR C 54 3.75 -31.15 -11.62
CA TYR C 54 4.37 -32.20 -12.44
C TYR C 54 5.21 -33.07 -11.53
N MET C 55 5.36 -34.33 -11.92
CA MET C 55 6.38 -35.22 -11.33
C MET C 55 7.68 -35.05 -12.13
N MET C 56 8.81 -35.14 -11.44
CA MET C 56 10.14 -35.06 -12.09
C MET C 56 10.22 -36.03 -13.29
N GLY C 57 10.44 -35.49 -14.47
CA GLY C 57 10.53 -36.27 -15.72
C GLY C 57 9.34 -36.04 -16.62
N ASN C 58 8.18 -35.72 -16.06
CA ASN C 58 6.95 -35.52 -16.86
C ASN C 58 6.83 -34.08 -17.30
N GLU C 59 5.85 -33.81 -18.16
CA GLU C 59 5.62 -32.45 -18.69
C GLU C 59 4.74 -31.67 -17.70
N LEU C 60 4.78 -30.34 -17.86
CA LEU C 60 4.13 -29.41 -16.93
C LEU C 60 2.62 -29.45 -17.15
N THR C 61 1.86 -29.52 -16.07
CA THR C 61 0.39 -29.44 -16.10
C THR C 61 -0.04 -28.15 -15.39
N PHE C 62 -0.61 -27.22 -16.13
CA PHE C 62 -1.13 -25.97 -15.57
C PHE C 62 -2.57 -26.19 -15.13
N LEU C 63 -2.92 -25.67 -13.96
CA LEU C 63 -4.31 -25.80 -13.46
C LEU C 63 -5.22 -24.95 -14.36
N ASP C 64 -4.65 -23.93 -15.00
CA ASP C 64 -5.39 -23.05 -15.93
C ASP C 64 -4.37 -22.47 -16.91
N ASP C 65 -4.61 -22.72 -18.21
CA ASP C 65 -3.73 -22.28 -19.33
C ASP C 65 -4.09 -20.86 -19.78
N SER C 66 -4.91 -20.14 -19.03
CA SER C 66 -5.43 -18.82 -19.45
C SER C 66 -4.28 -17.81 -19.51
N ILE C 67 -3.43 -17.76 -18.48
CA ILE C 67 -2.41 -16.68 -18.32
C ILE C 67 -1.01 -17.26 -18.50
N CYS C 68 -0.77 -18.46 -18.00
CA CYS C 68 0.60 -19.01 -17.95
C CYS C 68 0.69 -20.27 -18.80
N THR C 69 1.79 -20.38 -19.53
CA THR C 69 2.23 -21.62 -20.20
C THR C 69 3.70 -21.87 -19.86
N GLY C 70 4.19 -23.04 -20.22
CA GLY C 70 5.62 -23.29 -20.09
C GLY C 70 5.93 -24.75 -19.96
N THR C 71 7.19 -25.03 -19.72
CA THR C 71 7.76 -26.39 -19.69
C THR C 71 8.58 -26.56 -18.41
N SER C 72 8.87 -27.80 -18.09
CA SER C 72 9.76 -28.18 -16.96
C SER C 72 11.04 -28.77 -17.52
N SER C 73 12.16 -28.45 -16.89
CA SER C 73 13.50 -28.96 -17.27
C SER C 73 14.13 -29.64 -16.06
N GLY C 74 13.33 -30.37 -15.29
CA GLY C 74 13.80 -31.00 -14.05
C GLY C 74 13.95 -30.00 -12.92
N ASN C 75 15.09 -29.29 -12.88
CA ASN C 75 15.41 -28.38 -11.75
C ASN C 75 14.71 -27.02 -11.89
N GLN C 76 13.82 -26.84 -12.86
CA GLN C 76 13.26 -25.51 -13.12
C GLN C 76 12.02 -25.62 -13.98
N VAL C 77 11.26 -24.54 -13.98
CA VAL C 77 10.12 -24.33 -14.88
C VAL C 77 10.42 -23.09 -15.73
N ASN C 78 10.22 -23.20 -17.03
CA ASN C 78 10.32 -22.07 -17.96
C ASN C 78 8.91 -21.52 -18.15
N LEU C 79 8.62 -20.37 -17.57
CA LEU C 79 7.25 -19.84 -17.54
C LEU C 79 7.10 -18.77 -18.60
N THR C 80 5.91 -18.69 -19.15
CA THR C 80 5.50 -17.62 -20.09
C THR C 80 4.20 -17.06 -19.58
N ILE C 81 4.15 -15.74 -19.42
CA ILE C 81 2.94 -15.04 -18.91
C ILE C 81 2.49 -14.07 -19.99
N GLN C 82 1.19 -14.03 -20.23
CA GLN C 82 0.60 -13.13 -21.25
C GLN C 82 -0.38 -12.19 -20.57
N GLY C 83 -0.84 -11.18 -21.31
CA GLY C 83 -1.83 -10.20 -20.80
C GLY C 83 -1.21 -9.14 -19.91
N LEU C 84 0.11 -8.96 -19.97
CA LEU C 84 0.77 -7.93 -19.12
C LEU C 84 0.61 -6.55 -19.76
N ARG C 85 0.51 -5.53 -18.92
CA ARG C 85 0.35 -4.14 -19.35
C ARG C 85 1.44 -3.27 -18.74
N ALA C 86 1.62 -2.08 -19.28
CA ALA C 86 2.64 -1.12 -18.80
C ALA C 86 2.31 -0.73 -17.36
N MET C 87 3.35 -0.28 -16.64
CA MET C 87 3.22 0.22 -15.24
C MET C 87 2.66 -0.88 -14.34
N ASP C 88 3.03 -2.13 -14.62
CA ASP C 88 2.66 -3.26 -13.72
C ASP C 88 3.46 -3.09 -12.43
N THR C 89 2.78 -2.84 -11.33
CA THR C 89 3.41 -2.64 -9.99
C THR C 89 3.60 -3.99 -9.30
N GLY C 90 3.23 -5.09 -9.95
CA GLY C 90 3.24 -6.42 -9.31
C GLY C 90 4.67 -6.96 -9.17
N LEU C 91 4.92 -7.59 -8.05
CA LEU C 91 6.10 -8.47 -7.90
C LEU C 91 5.64 -9.92 -8.08
N TYR C 92 6.10 -10.57 -9.14
CA TYR C 92 5.74 -11.96 -9.47
C TYR C 92 6.65 -12.95 -8.76
N ILE C 93 6.08 -13.63 -7.75
CA ILE C 93 6.85 -14.46 -6.79
C ILE C 93 6.63 -15.89 -7.17
N CYS C 94 7.71 -16.66 -7.23
CA CYS C 94 7.64 -18.12 -7.43
C CYS C 94 7.57 -18.80 -6.06
N LYS C 95 6.49 -19.52 -5.81
CA LYS C 95 6.33 -20.41 -4.67
C LYS C 95 6.54 -21.83 -5.15
N VAL C 96 7.56 -22.49 -4.66
CA VAL C 96 7.91 -23.87 -5.06
C VAL C 96 7.63 -24.81 -3.89
N GLU C 97 6.80 -25.82 -4.13
CA GLU C 97 6.46 -26.87 -3.14
C GLU C 97 6.93 -28.22 -3.66
N LEU C 98 7.84 -28.86 -2.91
CA LEU C 98 8.20 -30.28 -3.18
C LEU C 98 7.29 -31.11 -2.27
N MET C 99 6.31 -31.79 -2.86
CA MET C 99 5.15 -32.28 -2.08
C MET C 99 5.35 -33.71 -1.60
N TYR C 100 6.04 -34.55 -2.37
CA TYR C 100 6.12 -36.00 -2.10
C TYR C 100 7.26 -36.54 -2.94
N PRO C 101 8.06 -37.50 -2.46
CA PRO C 101 7.99 -38.07 -1.12
C PRO C 101 8.36 -37.10 0.00
N PRO C 102 7.99 -37.39 1.26
CA PRO C 102 8.41 -36.57 2.39
C PRO C 102 9.93 -36.50 2.50
N PRO C 103 10.50 -35.47 3.15
CA PRO C 103 9.72 -34.37 3.72
C PRO C 103 9.29 -33.28 2.72
N TYR C 104 8.26 -32.55 3.10
CA TYR C 104 7.70 -31.42 2.33
C TYR C 104 8.66 -30.22 2.41
N TYR C 105 8.99 -29.66 1.26
CA TYR C 105 9.83 -28.45 1.15
C TYR C 105 9.01 -27.29 0.59
N LEU C 106 9.23 -26.11 1.16
CA LEU C 106 8.59 -24.87 0.71
C LEU C 106 9.68 -23.82 0.48
N GLY C 107 9.65 -23.19 -0.68
CA GLY C 107 10.60 -22.14 -1.05
C GLY C 107 9.88 -20.97 -1.68
N ILE C 108 10.26 -19.77 -1.26
CA ILE C 108 9.73 -18.52 -1.82
C ILE C 108 10.87 -17.75 -2.47
N GLY C 109 10.74 -17.43 -3.75
CA GLY C 109 11.73 -16.63 -4.46
C GLY C 109 11.65 -15.17 -4.09
N ASN C 110 12.62 -14.41 -4.54
CA ASN C 110 12.66 -12.94 -4.33
C ASN C 110 11.55 -12.24 -5.09
N GLY C 111 10.99 -12.87 -6.13
CA GLY C 111 10.00 -12.21 -6.98
C GLY C 111 10.62 -11.56 -8.20
N THR C 112 9.83 -11.45 -9.26
CA THR C 112 10.25 -10.80 -10.51
C THR C 112 9.34 -9.60 -10.79
N GLN C 113 9.96 -8.46 -11.11
CA GLN C 113 9.22 -7.29 -11.64
C GLN C 113 9.24 -7.39 -13.16
N ILE C 114 8.10 -7.14 -13.77
CA ILE C 114 7.94 -7.25 -15.25
C ILE C 114 7.59 -5.87 -15.81
N TYR C 115 8.41 -5.39 -16.72
CA TYR C 115 8.27 -4.05 -17.34
C TYR C 115 7.80 -4.20 -18.78
N VAL C 116 6.68 -3.57 -19.09
CA VAL C 116 6.20 -3.41 -20.48
C VAL C 116 6.63 -2.01 -20.93
N ILE C 117 7.61 -1.96 -21.80
CA ILE C 117 8.24 -0.67 -22.20
C ILE C 117 7.64 -0.19 -23.53
N ASP C 118 6.47 -0.73 -23.90
CA ASP C 118 5.64 -0.21 -25.03
C ASP C 118 4.18 -0.02 -24.55
N GLU D 2 -14.46 -24.12 -17.37
CA GLU D 2 -15.48 -24.34 -16.31
C GLU D 2 -15.36 -25.77 -15.79
N VAL D 3 -14.76 -25.91 -14.61
CA VAL D 3 -14.46 -27.22 -13.99
C VAL D 3 -15.63 -27.63 -13.09
N GLN D 4 -15.92 -28.92 -13.05
CA GLN D 4 -17.03 -29.47 -12.25
C GLN D 4 -16.66 -30.87 -11.76
N LEU D 5 -16.98 -31.15 -10.51
CA LEU D 5 -16.77 -32.48 -9.89
C LEU D 5 -18.12 -33.00 -9.41
N VAL D 6 -18.47 -34.21 -9.86
CA VAL D 6 -19.77 -34.86 -9.54
C VAL D 6 -19.46 -36.16 -8.81
N GLU D 7 -19.95 -36.27 -7.59
CA GLU D 7 -19.68 -37.44 -6.73
C GLU D 7 -20.91 -38.35 -6.68
N SER D 8 -20.66 -39.63 -6.44
CA SER D 8 -21.72 -40.67 -6.39
C SER D 8 -21.21 -41.84 -5.57
N GLY D 9 -22.09 -42.80 -5.30
CA GLY D 9 -21.71 -44.05 -4.63
C GLY D 9 -21.67 -43.91 -3.12
N GLY D 10 -22.43 -42.95 -2.57
CA GLY D 10 -22.56 -42.75 -1.12
C GLY D 10 -23.93 -43.15 -0.64
N GLY D 11 -23.99 -43.86 0.48
CA GLY D 11 -25.27 -44.22 1.12
C GLY D 11 -25.05 -44.77 2.51
N LEU D 12 -25.91 -45.70 2.92
CA LEU D 12 -25.79 -46.40 4.22
C LEU D 12 -25.16 -47.76 4.00
N ILE D 13 -24.53 -48.28 5.04
CA ILE D 13 -23.85 -49.61 4.98
C ILE D 13 -23.61 -50.10 6.40
N GLN D 14 -23.64 -51.40 6.59
CA GLN D 14 -23.43 -52.02 7.91
C GLN D 14 -21.93 -52.12 8.17
N PRO D 15 -21.50 -52.06 9.44
CA PRO D 15 -20.09 -52.18 9.76
C PRO D 15 -19.47 -53.46 9.17
N GLY D 16 -18.26 -53.31 8.61
CA GLY D 16 -17.53 -54.40 7.95
C GLY D 16 -17.78 -54.43 6.45
N GLY D 17 -18.81 -53.73 5.96
CA GLY D 17 -19.14 -53.74 4.52
C GLY D 17 -18.15 -52.95 3.70
N SER D 18 -18.58 -52.47 2.53
CA SER D 18 -17.70 -51.74 1.60
C SER D 18 -18.54 -50.87 0.67
N LEU D 19 -17.98 -49.71 0.31
CA LEU D 19 -18.59 -48.79 -0.70
C LEU D 19 -17.52 -48.38 -1.69
N ARG D 20 -17.97 -47.78 -2.79
CA ARG D 20 -17.08 -47.21 -3.81
C ARG D 20 -17.60 -45.83 -4.19
N LEU D 21 -16.78 -44.80 -3.98
CA LEU D 21 -17.15 -43.43 -4.36
C LEU D 21 -16.58 -43.14 -5.74
N SER D 22 -17.34 -42.41 -6.55
CA SER D 22 -16.92 -41.95 -7.89
C SER D 22 -16.90 -40.41 -7.90
N CYS D 23 -16.05 -39.87 -8.75
CA CYS D 23 -15.88 -38.41 -8.90
C CYS D 23 -15.66 -38.14 -10.37
N ALA D 24 -16.76 -37.89 -11.09
CA ALA D 24 -16.73 -37.67 -12.54
C ALA D 24 -16.28 -36.23 -12.78
N VAL D 25 -15.18 -36.07 -13.51
CA VAL D 25 -14.50 -34.78 -13.65
C VAL D 25 -14.80 -34.20 -15.03
N SER D 26 -15.13 -32.92 -15.07
CA SER D 26 -15.23 -32.15 -16.32
C SER D 26 -14.42 -30.86 -16.18
N GLY D 27 -13.53 -30.59 -17.12
CA GLY D 27 -12.76 -29.33 -17.16
C GLY D 27 -11.26 -29.54 -17.05
N PHE D 28 -10.80 -30.69 -16.57
CA PHE D 28 -9.35 -30.98 -16.56
C PHE D 28 -9.16 -32.48 -16.70
N THR D 29 -7.92 -32.87 -17.00
CA THR D 29 -7.53 -34.26 -17.22
C THR D 29 -7.04 -34.89 -15.91
N VAL D 30 -7.81 -35.83 -15.39
CA VAL D 30 -7.54 -36.45 -14.06
C VAL D 30 -6.15 -37.09 -14.05
N SER D 31 -5.75 -37.73 -15.15
CA SER D 31 -4.49 -38.55 -15.20
C SER D 31 -3.26 -37.66 -15.06
N LYS D 32 -3.40 -36.35 -15.28
CA LYS D 32 -2.25 -35.42 -15.23
C LYS D 32 -2.35 -34.42 -14.07
N ASN D 33 -3.33 -34.62 -13.18
CA ASN D 33 -3.54 -33.73 -12.03
C ASN D 33 -3.39 -34.51 -10.74
N TYR D 34 -3.22 -33.78 -9.65
CA TYR D 34 -3.31 -34.36 -8.29
C TYR D 34 -4.78 -34.26 -7.89
N MET D 35 -5.22 -35.20 -7.10
CA MET D 35 -6.57 -35.15 -6.50
C MET D 35 -6.51 -35.81 -5.12
N SER D 36 -7.46 -35.44 -4.28
CA SER D 36 -7.55 -35.97 -2.90
C SER D 36 -9.00 -36.34 -2.56
N TRP D 37 -9.13 -37.30 -1.67
CA TRP D 37 -10.42 -37.62 -1.01
C TRP D 37 -10.34 -37.12 0.41
N VAL D 38 -11.27 -36.25 0.78
CA VAL D 38 -11.27 -35.60 2.11
C VAL D 38 -12.66 -35.77 2.71
N ARG D 39 -12.71 -36.02 4.02
CA ARG D 39 -13.99 -36.26 4.72
C ARG D 39 -14.04 -35.37 5.96
N GLN D 40 -15.24 -34.91 6.29
CA GLN D 40 -15.49 -34.14 7.52
C GLN D 40 -16.54 -34.88 8.34
N ALA D 41 -16.11 -35.47 9.46
CA ALA D 41 -17.03 -36.05 10.47
C ALA D 41 -17.87 -34.91 11.05
N PRO D 42 -19.09 -35.21 11.56
CA PRO D 42 -19.92 -34.18 12.18
C PRO D 42 -19.22 -33.57 13.41
N GLY D 43 -19.27 -32.25 13.52
CA GLY D 43 -18.63 -31.49 14.61
C GLY D 43 -17.12 -31.65 14.62
N LYS D 44 -16.50 -31.90 13.47
CA LYS D 44 -15.03 -32.09 13.37
C LYS D 44 -14.50 -31.26 12.22
N GLY D 45 -13.19 -31.32 12.03
CA GLY D 45 -12.54 -30.68 10.87
C GLY D 45 -12.35 -31.69 9.77
N LEU D 46 -11.85 -31.23 8.63
CA LEU D 46 -11.59 -32.13 7.49
C LEU D 46 -10.54 -33.14 7.91
N GLU D 47 -10.59 -34.31 7.30
CA GLU D 47 -9.55 -35.35 7.44
C GLU D 47 -9.19 -35.75 6.01
N TRP D 48 -7.92 -35.55 5.65
CA TRP D 48 -7.39 -35.89 4.31
C TRP D 48 -7.09 -37.38 4.27
N VAL D 49 -7.93 -38.11 3.54
CA VAL D 49 -7.98 -39.59 3.60
C VAL D 49 -6.97 -40.19 2.64
N SER D 50 -7.00 -39.75 1.38
CA SER D 50 -6.08 -40.28 0.35
C SER D 50 -5.76 -39.18 -0.64
N VAL D 51 -4.54 -39.22 -1.15
CA VAL D 51 -4.06 -38.26 -2.17
C VAL D 51 -3.45 -39.08 -3.29
N VAL D 52 -3.77 -38.69 -4.51
CA VAL D 52 -3.03 -39.18 -5.71
C VAL D 52 -2.39 -37.96 -6.35
N TYR D 53 -1.12 -38.08 -6.68
CA TYR D 53 -0.34 -36.98 -7.26
C TYR D 53 -0.32 -37.13 -8.78
N SER D 54 0.11 -36.08 -9.46
CA SER D 54 0.01 -35.99 -10.94
C SER D 54 0.69 -37.20 -11.57
N GLY D 55 1.81 -37.63 -11.00
CA GLY D 55 2.63 -38.73 -11.54
C GLY D 55 2.12 -40.10 -11.15
N GLY D 56 1.15 -40.19 -10.24
CA GLY D 56 0.53 -41.50 -9.92
C GLY D 56 0.82 -41.99 -8.52
N SER D 57 1.76 -41.35 -7.81
CA SER D 57 2.06 -41.70 -6.40
C SER D 57 0.81 -41.48 -5.56
N LYS D 58 0.60 -42.36 -4.59
CA LYS D 58 -0.61 -42.37 -3.73
C LYS D 58 -0.19 -42.46 -2.27
N THR D 59 -0.87 -41.69 -1.43
CA THR D 59 -0.66 -41.71 0.03
C THR D 59 -2.02 -41.90 0.70
N TYR D 60 -1.97 -42.45 1.90
CA TYR D 60 -3.18 -42.71 2.72
C TYR D 60 -2.89 -42.26 4.14
N ALA D 61 -3.91 -41.72 4.79
CA ALA D 61 -3.88 -41.48 6.25
C ALA D 61 -3.77 -42.84 6.95
N ASP D 62 -3.15 -42.84 8.13
CA ASP D 62 -3.03 -44.08 8.95
C ASP D 62 -4.42 -44.60 9.30
N SER D 63 -5.40 -43.71 9.46
CA SER D 63 -6.77 -44.10 9.86
C SER D 63 -7.46 -44.98 8.81
N VAL D 64 -6.94 -45.08 7.60
CA VAL D 64 -7.60 -45.86 6.52
C VAL D 64 -6.56 -46.75 5.85
N LYS D 65 -5.35 -46.81 6.40
CA LYS D 65 -4.23 -47.53 5.75
C LYS D 65 -4.56 -49.02 5.67
N GLY D 66 -4.37 -49.61 4.49
CA GLY D 66 -4.65 -51.03 4.23
C GLY D 66 -6.09 -51.28 3.78
N ARG D 67 -7.04 -50.50 4.31
CA ARG D 67 -8.46 -50.62 3.95
C ARG D 67 -8.96 -49.83 2.73
N PHE D 68 -8.47 -48.61 2.55
CA PHE D 68 -8.90 -47.71 1.44
C PHE D 68 -7.92 -47.82 0.28
N THR D 69 -8.45 -47.52 -0.90
CA THR D 69 -7.66 -47.54 -2.15
C THR D 69 -8.20 -46.47 -3.08
N ILE D 70 -7.28 -45.62 -3.54
CA ILE D 70 -7.63 -44.52 -4.48
C ILE D 70 -7.19 -44.97 -5.87
N SER D 71 -7.92 -44.52 -6.88
CA SER D 71 -7.61 -44.86 -8.28
C SER D 71 -8.25 -43.84 -9.21
N ARG D 72 -7.74 -43.79 -10.43
CA ARG D 72 -8.28 -42.89 -11.46
C ARG D 72 -8.30 -43.62 -12.80
N ASP D 73 -9.37 -43.37 -13.56
CA ASP D 73 -9.59 -43.99 -14.87
C ASP D 73 -9.45 -42.89 -15.91
N ASN D 74 -8.50 -43.05 -16.83
CA ASN D 74 -8.19 -42.02 -17.85
C ASN D 74 -9.35 -41.91 -18.84
N SER D 75 -9.86 -43.03 -19.34
CA SER D 75 -10.92 -43.03 -20.38
C SER D 75 -12.19 -42.38 -19.84
N LYS D 76 -12.55 -42.69 -18.59
CA LYS D 76 -13.78 -42.13 -17.94
C LYS D 76 -13.50 -40.79 -17.27
N ASN D 77 -12.22 -40.43 -17.10
CA ASN D 77 -11.78 -39.17 -16.45
C ASN D 77 -12.46 -39.08 -15.08
N THR D 78 -12.28 -40.11 -14.27
CA THR D 78 -13.03 -40.29 -13.00
C THR D 78 -12.06 -40.71 -11.91
N LEU D 79 -12.25 -40.16 -10.73
CA LEU D 79 -11.49 -40.56 -9.52
C LEU D 79 -12.36 -41.53 -8.73
N TYR D 80 -11.75 -42.57 -8.17
CA TYR D 80 -12.47 -43.60 -7.38
C TYR D 80 -11.83 -43.74 -6.01
N LEU D 81 -12.65 -44.12 -5.04
CA LEU D 81 -12.20 -44.45 -3.67
C LEU D 81 -12.93 -45.71 -3.22
N GLN D 82 -12.18 -46.80 -3.11
CA GLN D 82 -12.70 -48.12 -2.69
C GLN D 82 -12.52 -48.27 -1.18
N MET D 83 -13.62 -48.16 -0.45
CA MET D 83 -13.62 -48.17 1.03
C MET D 83 -14.06 -49.56 1.51
N ASN D 84 -13.13 -50.32 2.08
CA ASN D 84 -13.37 -51.69 2.59
C ASN D 84 -13.28 -51.69 4.12
N SER D 85 -13.90 -52.69 4.74
CA SER D 85 -13.84 -52.98 6.21
C SER D 85 -14.28 -51.75 7.01
N LEU D 86 -15.36 -51.11 6.57
CA LEU D 86 -15.77 -49.79 7.11
C LEU D 86 -16.09 -49.91 8.61
N ARG D 87 -15.57 -48.97 9.40
CA ARG D 87 -15.85 -48.87 10.85
C ARG D 87 -16.72 -47.65 11.10
N ALA D 88 -17.26 -47.54 12.31
CA ALA D 88 -18.24 -46.50 12.70
C ALA D 88 -17.62 -45.10 12.52
N GLU D 89 -16.33 -44.94 12.82
CA GLU D 89 -15.65 -43.63 12.78
C GLU D 89 -15.64 -43.07 11.34
N ASP D 90 -15.75 -43.91 10.34
CA ASP D 90 -15.69 -43.46 8.96
C ASP D 90 -16.88 -42.58 8.56
N THR D 91 -17.92 -42.60 9.37
CA THR D 91 -19.16 -41.87 9.03
C THR D 91 -18.82 -40.39 8.90
N ALA D 92 -19.02 -39.84 7.71
CA ALA D 92 -18.73 -38.42 7.42
C ALA D 92 -19.30 -38.05 6.06
N VAL D 93 -19.18 -36.77 5.72
CA VAL D 93 -19.39 -36.29 4.33
C VAL D 93 -18.04 -36.39 3.61
N TYR D 94 -18.01 -37.10 2.49
CA TYR D 94 -16.79 -37.37 1.70
C TYR D 94 -16.77 -36.43 0.51
N TYR D 95 -15.62 -35.78 0.30
CA TYR D 95 -15.38 -34.83 -0.80
C TYR D 95 -14.20 -35.33 -1.61
N CYS D 96 -14.33 -35.24 -2.93
CA CYS D 96 -13.19 -35.30 -3.87
C CYS D 96 -12.79 -33.85 -4.18
N ALA D 97 -11.50 -33.64 -4.35
CA ALA D 97 -11.01 -32.27 -4.61
C ALA D 97 -9.75 -32.32 -5.45
N ARG D 98 -9.67 -31.44 -6.43
CA ARG D 98 -8.39 -31.09 -7.08
C ARG D 98 -7.67 -30.14 -6.13
N ALA D 99 -7.04 -30.72 -5.13
CA ALA D 99 -6.37 -29.98 -4.05
C ALA D 99 -5.44 -30.93 -3.33
N VAL D 100 -4.48 -30.34 -2.64
CA VAL D 100 -3.41 -31.11 -1.97
C VAL D 100 -3.39 -30.66 -0.51
N PRO D 101 -3.09 -31.58 0.43
CA PRO D 101 -3.15 -31.25 1.86
C PRO D 101 -2.07 -30.27 2.36
N HIS D 102 -1.05 -30.02 1.55
CA HIS D 102 0.14 -29.26 2.00
C HIS D 102 -0.23 -27.79 2.22
N SER D 103 -0.91 -27.20 1.25
CA SER D 103 -1.35 -25.80 1.35
C SER D 103 -2.48 -25.61 0.37
N PRO D 104 -3.47 -24.78 0.71
CA PRO D 104 -4.58 -24.54 -0.20
C PRO D 104 -4.15 -23.70 -1.40
N SER D 105 -4.98 -23.70 -2.43
CA SER D 105 -4.74 -22.92 -3.67
C SER D 105 -6.04 -22.24 -4.09
N SER D 106 -5.91 -21.07 -4.68
CA SER D 106 -7.07 -20.35 -5.28
C SER D 106 -7.65 -21.18 -6.43
N PHE D 107 -6.88 -22.13 -7.00
CA PHE D 107 -7.36 -22.99 -8.11
C PHE D 107 -7.91 -24.30 -7.57
N ASP D 108 -7.99 -24.45 -6.24
CA ASP D 108 -8.60 -25.67 -5.66
C ASP D 108 -10.05 -25.72 -6.10
N ILE D 109 -10.53 -26.94 -6.36
CA ILE D 109 -11.93 -27.20 -6.74
C ILE D 109 -12.41 -28.39 -5.90
N TRP D 110 -13.61 -28.26 -5.35
CA TRP D 110 -14.20 -29.25 -4.42
C TRP D 110 -15.50 -29.78 -5.02
N GLY D 111 -15.72 -31.09 -4.89
CA GLY D 111 -17.02 -31.69 -5.20
C GLY D 111 -18.09 -31.26 -4.21
N GLN D 112 -19.35 -31.45 -4.56
CA GLN D 112 -20.50 -31.04 -3.71
C GLN D 112 -20.56 -31.92 -2.44
N GLY D 113 -19.81 -33.02 -2.39
CA GLY D 113 -19.82 -33.91 -1.22
C GLY D 113 -20.93 -34.91 -1.28
N THR D 114 -20.70 -36.07 -0.69
CA THR D 114 -21.71 -37.15 -0.61
C THR D 114 -21.67 -37.74 0.78
N MET D 115 -22.84 -37.95 1.37
CA MET D 115 -22.95 -38.47 2.75
C MET D 115 -22.69 -39.98 2.73
N VAL D 116 -21.85 -40.44 3.65
CA VAL D 116 -21.56 -41.88 3.84
C VAL D 116 -21.81 -42.20 5.32
N THR D 117 -22.81 -43.03 5.57
CA THR D 117 -23.18 -43.50 6.94
C THR D 117 -22.88 -44.99 7.03
N VAL D 118 -22.26 -45.41 8.13
CA VAL D 118 -21.85 -46.83 8.29
C VAL D 118 -22.42 -47.41 9.60
N MET E 3 12.00 1.68 2.33
CA MET E 3 12.65 2.17 3.60
C MET E 3 14.14 1.82 3.61
N HIS E 4 14.86 2.34 4.60
CA HIS E 4 16.33 2.16 4.73
C HIS E 4 16.62 0.99 5.68
N VAL E 5 17.37 0.00 5.19
CA VAL E 5 17.85 -1.13 6.04
C VAL E 5 19.36 -1.19 5.93
N ALA E 6 20.05 -1.06 7.06
CA ALA E 6 21.53 -1.03 7.10
C ALA E 6 22.05 -2.22 7.90
N GLN E 7 23.15 -2.80 7.40
CA GLN E 7 23.83 -3.94 8.05
C GLN E 7 25.29 -3.90 7.64
N PRO E 8 26.19 -4.44 8.48
CA PRO E 8 27.60 -4.39 8.16
C PRO E 8 27.88 -5.09 6.83
N ALA E 9 28.87 -4.59 6.12
CA ALA E 9 29.31 -5.17 4.84
C ALA E 9 30.01 -6.52 5.03
N VAL E 10 30.77 -6.71 6.12
CA VAL E 10 31.60 -7.96 6.30
C VAL E 10 31.47 -8.41 7.74
N VAL E 11 31.40 -9.72 7.93
CA VAL E 11 31.48 -10.35 9.26
C VAL E 11 32.36 -11.58 9.11
N LEU E 12 33.34 -11.73 10.00
CA LEU E 12 34.24 -12.90 10.01
C LEU E 12 33.79 -13.81 11.13
N ALA E 13 33.61 -15.08 10.82
CA ALA E 13 33.15 -16.09 11.78
C ALA E 13 34.02 -17.33 11.65
N SER E 14 34.13 -18.07 12.73
CA SER E 14 34.79 -19.40 12.77
C SER E 14 33.67 -20.43 12.69
N SER E 15 33.90 -21.48 11.91
CA SER E 15 32.90 -22.57 11.73
C SER E 15 32.64 -23.24 13.08
N ARG E 16 31.48 -23.90 13.17
CA ARG E 16 31.02 -24.57 14.42
C ARG E 16 30.88 -23.48 15.50
N GLY E 17 30.52 -22.28 15.10
CA GLY E 17 30.48 -21.14 16.02
C GLY E 17 29.40 -20.16 15.64
N ILE E 18 29.64 -18.90 15.97
CA ILE E 18 28.60 -17.84 15.93
C ILE E 18 28.97 -16.84 14.84
N ALA E 19 27.95 -16.28 14.22
CA ALA E 19 28.07 -15.10 13.34
C ALA E 19 27.01 -14.10 13.74
N SER E 20 27.42 -12.89 14.09
CA SER E 20 26.53 -11.83 14.60
C SER E 20 26.60 -10.64 13.67
N PHE E 21 25.47 -9.97 13.52
CA PHE E 21 25.41 -8.71 12.72
C PHE E 21 24.14 -7.98 13.13
N VAL E 22 24.23 -6.66 13.02
CA VAL E 22 23.11 -5.75 13.39
C VAL E 22 22.39 -5.37 12.10
N CYS E 23 21.07 -5.32 12.15
CA CYS E 23 20.21 -4.76 11.08
C CYS E 23 19.44 -3.59 11.64
N GLU E 24 19.63 -2.41 11.03
CA GLU E 24 18.98 -1.16 11.50
C GLU E 24 18.11 -0.68 10.37
N TYR E 25 16.92 -0.22 10.72
CA TYR E 25 15.91 0.19 9.72
C TYR E 25 15.27 1.51 10.17
N ALA E 26 14.56 2.15 9.24
CA ALA E 26 13.87 3.44 9.47
C ALA E 26 12.39 3.18 9.79
N SER E 27 12.04 3.17 11.07
CA SER E 27 10.68 2.83 11.56
C SER E 27 10.03 4.05 12.19
N PRO E 28 8.99 4.64 11.59
CA PRO E 28 8.30 5.77 12.22
C PRO E 28 7.40 5.31 13.37
N GLY E 29 6.85 4.09 13.28
CA GLY E 29 5.79 3.62 14.18
C GLY E 29 6.34 3.31 15.56
N LYS E 30 5.46 3.41 16.56
CA LYS E 30 5.78 3.15 17.98
C LYS E 30 5.60 1.67 18.29
N ALA E 31 4.43 1.12 17.95
CA ALA E 31 4.09 -0.30 18.23
C ALA E 31 3.85 -1.05 16.90
N THR E 32 4.77 -0.91 15.96
CA THR E 32 4.64 -1.53 14.63
C THR E 32 4.87 -3.04 14.76
N GLU E 33 4.09 -3.82 14.00
CA GLU E 33 4.27 -5.29 13.88
C GLU E 33 5.27 -5.56 12.78
N VAL E 34 6.32 -6.30 13.14
CA VAL E 34 7.53 -6.46 12.28
C VAL E 34 7.72 -7.96 12.04
N ARG E 35 8.09 -8.30 10.82
CA ARG E 35 8.71 -9.60 10.49
C ARG E 35 10.08 -9.35 9.88
N VAL E 36 11.08 -10.03 10.39
CA VAL E 36 12.49 -9.93 9.89
C VAL E 36 12.88 -11.31 9.39
N THR E 37 13.46 -11.35 8.20
CA THR E 37 13.82 -12.61 7.54
C THR E 37 15.25 -12.46 7.12
N VAL E 38 16.04 -13.51 7.38
CA VAL E 38 17.46 -13.53 6.95
C VAL E 38 17.49 -14.35 5.67
N LEU E 39 17.98 -13.74 4.61
CA LEU E 39 18.03 -14.39 3.28
C LEU E 39 19.48 -14.66 2.91
N ARG E 40 19.79 -15.91 2.60
CA ARG E 40 21.07 -16.21 1.94
C ARG E 40 20.87 -15.96 0.45
N GLN E 41 21.58 -14.99 -0.11
CA GLN E 41 21.39 -14.52 -1.48
C GLN E 41 22.68 -14.76 -2.26
N ALA E 42 22.66 -15.72 -3.18
CA ALA E 42 23.72 -15.98 -4.17
C ALA E 42 23.21 -15.58 -5.57
N ASP E 43 23.39 -14.31 -5.94
CA ASP E 43 22.87 -13.72 -7.19
C ASP E 43 21.34 -13.68 -7.11
N SER E 44 20.63 -14.42 -7.95
CA SER E 44 19.14 -14.44 -7.95
C SER E 44 18.61 -15.59 -7.10
N GLN E 45 19.49 -16.45 -6.61
CA GLN E 45 19.11 -17.64 -5.81
C GLN E 45 19.02 -17.23 -4.34
N VAL E 46 17.85 -17.41 -3.73
CA VAL E 46 17.60 -16.96 -2.33
C VAL E 46 17.13 -18.14 -1.49
N THR E 47 17.56 -18.15 -0.22
CA THR E 47 17.10 -19.14 0.79
C THR E 47 16.73 -18.39 2.05
N GLU E 48 15.49 -18.55 2.51
CA GLU E 48 15.04 -17.96 3.79
C GLU E 48 15.68 -18.76 4.91
N VAL E 49 16.80 -18.26 5.45
CA VAL E 49 17.61 -19.00 6.46
C VAL E 49 16.85 -19.03 7.79
N CYS E 50 16.25 -17.92 8.17
CA CYS E 50 15.44 -17.86 9.41
C CYS E 50 14.55 -16.62 9.36
N ALA E 51 13.54 -16.60 10.21
CA ALA E 51 12.57 -15.51 10.28
C ALA E 51 12.14 -15.32 11.72
N ALA E 52 11.83 -14.08 12.06
CA ALA E 52 11.31 -13.70 13.39
C ALA E 52 10.22 -12.66 13.23
N THR E 53 9.29 -12.66 14.17
CA THR E 53 8.22 -11.63 14.22
C THR E 53 8.08 -11.11 15.64
N TYR E 54 7.72 -9.85 15.75
CA TYR E 54 7.58 -9.17 17.06
C TYR E 54 6.87 -7.84 16.84
N MET E 55 6.16 -7.40 17.88
CA MET E 55 5.73 -5.99 17.97
C MET E 55 6.84 -5.18 18.64
N MET E 56 7.06 -3.95 18.18
CA MET E 56 8.16 -3.08 18.66
C MET E 56 8.00 -2.89 20.17
N GLY E 57 8.92 -3.46 20.96
CA GLY E 57 8.89 -3.42 22.42
C GLY E 57 8.90 -4.80 23.05
N ASN E 58 8.46 -5.83 22.32
CA ASN E 58 8.32 -7.20 22.88
C ASN E 58 9.55 -8.02 22.51
N GLU E 59 9.66 -9.20 23.10
CA GLU E 59 10.73 -10.16 22.76
C GLU E 59 10.56 -10.59 21.31
N LEU E 60 11.62 -11.18 20.76
CA LEU E 60 11.62 -11.72 19.38
C LEU E 60 11.15 -13.17 19.41
N THR E 61 10.22 -13.49 18.52
CA THR E 61 9.72 -14.87 18.31
C THR E 61 10.30 -15.38 16.98
N PHE E 62 11.07 -16.46 17.03
CA PHE E 62 11.66 -17.08 15.83
C PHE E 62 10.80 -18.25 15.43
N LEU E 63 10.25 -18.18 14.21
CA LEU E 63 9.44 -19.29 13.64
C LEU E 63 10.38 -20.47 13.36
N ASP E 64 11.64 -20.17 13.06
CA ASP E 64 12.62 -21.19 12.60
C ASP E 64 12.93 -22.13 13.77
N ASP E 65 13.57 -23.27 13.45
CA ASP E 65 13.96 -24.31 14.44
C ASP E 65 15.34 -23.95 15.01
N SER E 66 15.40 -22.84 15.74
CA SER E 66 16.56 -22.45 16.59
C SER E 66 17.82 -22.24 15.75
N ILE E 67 17.69 -21.79 14.50
CA ILE E 67 18.88 -21.45 13.67
C ILE E 67 19.43 -20.10 14.11
N CYS E 68 18.53 -19.14 14.33
CA CYS E 68 18.91 -17.74 14.64
C CYS E 68 18.31 -17.36 16.00
N THR E 69 19.04 -16.50 16.71
CA THR E 69 18.56 -15.83 17.92
C THR E 69 18.74 -14.33 17.72
N GLY E 70 18.20 -13.54 18.62
CA GLY E 70 18.45 -12.11 18.56
C GLY E 70 17.58 -11.34 19.50
N THR E 71 17.79 -10.02 19.50
CA THR E 71 17.04 -9.05 20.31
C THR E 71 16.81 -7.81 19.46
N SER E 72 15.85 -6.99 19.89
CA SER E 72 15.49 -5.72 19.22
C SER E 72 15.70 -4.55 20.17
N SER E 73 16.08 -3.41 19.62
CA SER E 73 16.29 -2.13 20.35
C SER E 73 15.65 -1.00 19.56
N GLY E 74 14.33 -1.04 19.40
CA GLY E 74 13.57 -0.03 18.65
C GLY E 74 13.72 -0.24 17.15
N ASN E 75 14.60 0.53 16.52
CA ASN E 75 14.76 0.58 15.04
C ASN E 75 15.84 -0.39 14.55
N GLN E 76 16.41 -1.20 15.44
CA GLN E 76 17.47 -2.18 15.05
C GLN E 76 17.24 -3.51 15.76
N VAL E 77 17.67 -4.58 15.10
CA VAL E 77 17.68 -5.95 15.71
C VAL E 77 19.09 -6.48 15.62
N ASN E 78 19.46 -7.29 16.61
CA ASN E 78 20.85 -7.81 16.78
C ASN E 78 20.78 -9.31 16.62
N LEU E 79 21.26 -9.83 15.49
CA LEU E 79 21.01 -11.21 15.08
C LEU E 79 22.25 -12.04 15.30
N THR E 80 22.02 -13.31 15.57
CA THR E 80 23.06 -14.32 15.74
C THR E 80 22.64 -15.56 14.97
N ILE E 81 23.52 -16.04 14.09
CA ILE E 81 23.32 -17.31 13.36
C ILE E 81 24.28 -18.33 13.94
N GLN E 82 23.77 -19.52 14.22
CA GLN E 82 24.51 -20.59 14.95
C GLN E 82 24.72 -21.80 14.04
N GLY E 83 25.94 -22.34 14.04
CA GLY E 83 26.24 -23.64 13.42
C GLY E 83 26.65 -23.55 11.97
N LEU E 84 26.98 -22.36 11.46
CA LEU E 84 27.39 -22.22 10.04
C LEU E 84 28.72 -22.95 9.82
N ARG E 85 28.82 -23.70 8.74
CA ARG E 85 30.07 -24.39 8.34
C ARG E 85 30.75 -23.55 7.25
N ALA E 86 31.97 -23.94 6.87
CA ALA E 86 32.80 -23.16 5.93
C ALA E 86 32.08 -22.98 4.59
N MET E 87 31.21 -23.92 4.22
CA MET E 87 30.50 -23.86 2.91
C MET E 87 29.32 -22.88 2.98
N ASP E 88 28.92 -22.47 4.18
CA ASP E 88 27.82 -21.49 4.37
C ASP E 88 28.30 -20.05 4.15
N THR E 89 29.56 -19.88 3.76
CA THR E 89 30.10 -18.55 3.41
C THR E 89 29.23 -17.98 2.28
N GLY E 90 28.79 -16.73 2.42
CA GLY E 90 27.98 -16.07 1.39
C GLY E 90 27.36 -14.79 1.91
N LEU E 91 26.50 -14.20 1.08
CA LEU E 91 25.85 -12.92 1.36
C LEU E 91 24.53 -13.18 2.08
N TYR E 92 24.37 -12.59 3.27
CA TYR E 92 23.18 -12.76 4.13
C TYR E 92 22.45 -11.43 4.18
N ILE E 93 21.24 -11.39 3.62
CA ILE E 93 20.48 -10.13 3.42
C ILE E 93 19.41 -10.07 4.50
N CYS E 94 19.23 -8.89 5.04
CA CYS E 94 18.20 -8.60 6.06
C CYS E 94 16.96 -8.02 5.37
N LYS E 95 15.84 -8.73 5.47
CA LYS E 95 14.55 -8.27 4.92
C LYS E 95 13.69 -7.88 6.10
N VAL E 96 13.23 -6.64 6.11
CA VAL E 96 12.40 -6.10 7.20
C VAL E 96 11.04 -5.73 6.61
N GLU E 97 9.98 -6.29 7.17
CA GLU E 97 8.58 -6.06 6.75
C GLU E 97 7.81 -5.42 7.90
N LEU E 98 7.32 -4.21 7.65
CA LEU E 98 6.44 -3.48 8.61
C LEU E 98 5.00 -3.76 8.21
N MET E 99 4.39 -4.72 8.88
CA MET E 99 3.12 -5.35 8.41
C MET E 99 1.93 -4.54 8.91
N TYR E 100 1.90 -4.19 10.19
CA TYR E 100 0.76 -3.49 10.85
C TYR E 100 1.30 -2.48 11.84
N PRO E 101 0.74 -1.26 11.96
CA PRO E 101 -0.39 -0.76 11.18
C PRO E 101 -0.08 -0.42 9.72
N PRO E 102 -1.10 -0.22 8.86
CA PRO E 102 -0.88 0.08 7.45
C PRO E 102 -0.10 1.38 7.27
N PRO E 103 0.55 1.59 6.09
CA PRO E 103 0.67 0.57 5.05
C PRO E 103 1.91 -0.34 5.21
N TYR E 104 1.92 -1.43 4.44
CA TYR E 104 2.99 -2.45 4.45
C TYR E 104 4.25 -1.83 3.85
N TYR E 105 5.35 -1.83 4.63
CA TYR E 105 6.69 -1.40 4.18
C TYR E 105 7.57 -2.63 3.94
N LEU E 106 8.32 -2.62 2.84
CA LEU E 106 9.32 -3.67 2.55
C LEU E 106 10.68 -3.00 2.41
N GLY E 107 11.60 -3.36 3.31
CA GLY E 107 12.99 -2.91 3.26
C GLY E 107 13.92 -4.09 3.05
N ILE E 108 14.91 -3.94 2.18
CA ILE E 108 15.91 -5.01 1.90
C ILE E 108 17.28 -4.38 2.05
N GLY E 109 18.12 -5.00 2.88
CA GLY E 109 19.48 -4.51 3.14
C GLY E 109 20.40 -4.87 2.01
N ASN E 110 21.60 -4.30 2.03
CA ASN E 110 22.65 -4.57 1.00
C ASN E 110 23.32 -5.91 1.25
N GLY E 111 23.07 -6.54 2.39
CA GLY E 111 23.62 -7.88 2.62
C GLY E 111 24.91 -7.84 3.40
N THR E 112 25.08 -8.77 4.32
CA THR E 112 26.32 -8.93 5.10
C THR E 112 27.07 -10.13 4.53
N GLN E 113 28.28 -9.91 4.04
CA GLN E 113 29.15 -11.02 3.57
C GLN E 113 29.77 -11.68 4.81
N ILE E 114 29.36 -12.90 5.12
CA ILE E 114 29.83 -13.66 6.29
C ILE E 114 30.85 -14.68 5.78
N TYR E 115 32.10 -14.49 6.14
CA TYR E 115 33.17 -15.46 5.82
C TYR E 115 33.32 -16.44 7.00
N VAL E 116 32.84 -17.67 6.80
CA VAL E 116 32.98 -18.76 7.81
C VAL E 116 34.33 -19.43 7.56
N ILE E 117 35.23 -19.29 8.54
CA ILE E 117 36.65 -19.71 8.39
C ILE E 117 36.90 -20.99 9.18
N ASP E 118 37.66 -21.90 8.57
CA ASP E 118 38.10 -23.22 9.12
C ASP E 118 37.05 -24.30 8.79
N GLU F 2 8.21 -30.51 13.94
CA GLU F 2 6.87 -30.95 13.45
C GLU F 2 5.79 -30.03 14.03
N VAL F 3 5.20 -29.21 13.17
CA VAL F 3 4.12 -28.26 13.55
C VAL F 3 2.83 -28.79 12.98
N GLN F 4 1.79 -28.91 13.81
CA GLN F 4 0.44 -29.35 13.40
C GLN F 4 -0.54 -28.21 13.66
N LEU F 5 -1.40 -27.94 12.68
CA LEU F 5 -2.60 -27.09 12.85
C LEU F 5 -3.84 -27.95 12.60
N VAL F 6 -4.46 -28.43 13.68
CA VAL F 6 -5.65 -29.30 13.59
C VAL F 6 -6.89 -28.43 13.79
N GLU F 7 -7.76 -28.40 12.79
CA GLU F 7 -8.99 -27.58 12.82
C GLU F 7 -10.19 -28.41 13.22
N SER F 8 -11.24 -27.72 13.68
CA SER F 8 -12.53 -28.34 14.08
C SER F 8 -13.59 -27.25 14.13
N GLY F 9 -14.84 -27.67 14.34
CA GLY F 9 -15.95 -26.74 14.61
C GLY F 9 -16.71 -26.35 13.36
N GLY F 10 -16.62 -27.14 12.30
CA GLY F 10 -17.43 -26.86 11.10
C GLY F 10 -18.71 -27.64 11.08
N GLY F 11 -19.47 -27.50 9.99
CA GLY F 11 -20.70 -28.25 9.74
C GLY F 11 -21.76 -27.34 9.17
N LEU F 12 -23.01 -27.81 9.20
CA LEU F 12 -24.14 -27.09 8.59
C LEU F 12 -24.74 -26.13 9.62
N ILE F 13 -25.17 -24.97 9.15
CA ILE F 13 -25.79 -23.93 9.99
C ILE F 13 -26.71 -23.11 9.12
N GLN F 14 -27.75 -22.52 9.73
CA GLN F 14 -28.79 -21.78 9.00
C GLN F 14 -28.40 -20.31 8.95
N PRO F 15 -28.93 -19.54 7.97
CA PRO F 15 -28.66 -18.12 7.90
C PRO F 15 -29.03 -17.41 9.21
N GLY F 16 -28.06 -16.73 9.80
CA GLY F 16 -28.22 -15.97 11.06
C GLY F 16 -27.63 -16.68 12.26
N GLY F 17 -27.28 -17.96 12.11
CA GLY F 17 -26.73 -18.79 13.21
C GLY F 17 -25.29 -18.42 13.50
N SER F 18 -24.66 -19.19 14.39
CA SER F 18 -23.30 -18.92 14.87
C SER F 18 -22.51 -20.22 14.96
N LEU F 19 -21.20 -20.11 14.74
CA LEU F 19 -20.26 -21.25 14.85
C LEU F 19 -18.95 -20.73 15.41
N ARG F 20 -18.12 -21.68 15.85
CA ARG F 20 -16.79 -21.36 16.40
C ARG F 20 -15.76 -22.36 15.88
N LEU F 21 -14.88 -21.90 15.00
CA LEU F 21 -13.79 -22.74 14.45
C LEU F 21 -12.60 -22.69 15.40
N SER F 22 -12.03 -23.86 15.66
CA SER F 22 -10.85 -24.00 16.54
C SER F 22 -9.67 -24.49 15.72
N CYS F 23 -8.47 -24.00 16.05
CA CYS F 23 -7.21 -24.36 15.39
C CYS F 23 -6.19 -24.75 16.48
N ALA F 24 -6.18 -26.02 16.83
CA ALA F 24 -5.29 -26.53 17.90
C ALA F 24 -3.88 -26.65 17.32
N VAL F 25 -2.95 -25.96 17.94
CA VAL F 25 -1.55 -25.86 17.44
C VAL F 25 -0.66 -26.72 18.34
N SER F 26 0.27 -27.42 17.71
CA SER F 26 1.42 -28.08 18.37
C SER F 26 2.68 -27.75 17.59
N GLY F 27 3.68 -27.16 18.25
CA GLY F 27 5.01 -26.89 17.67
C GLY F 27 5.43 -25.44 17.85
N PHE F 28 4.48 -24.53 18.02
CA PHE F 28 4.79 -23.11 18.32
C PHE F 28 3.71 -22.58 19.25
N THR F 29 3.93 -21.35 19.74
CA THR F 29 3.07 -20.70 20.73
C THR F 29 2.21 -19.65 20.03
N VAL F 30 0.90 -19.82 20.09
CA VAL F 30 -0.05 -19.00 19.29
C VAL F 30 0.04 -17.57 19.80
N SER F 31 0.19 -17.41 21.11
CA SER F 31 0.17 -16.08 21.77
C SER F 31 1.29 -15.19 21.23
N LYS F 32 2.38 -15.78 20.72
CA LYS F 32 3.58 -15.01 20.32
C LYS F 32 3.72 -14.93 18.80
N ASN F 33 2.86 -15.64 18.06
CA ASN F 33 2.94 -15.69 16.59
C ASN F 33 1.79 -14.91 15.95
N TYR F 34 1.98 -14.51 14.70
CA TYR F 34 0.86 -14.04 13.86
C TYR F 34 0.13 -15.27 13.32
N MET F 35 -1.19 -15.14 13.17
CA MET F 35 -2.03 -16.21 12.57
C MET F 35 -3.18 -15.58 11.80
N SER F 36 -3.61 -16.26 10.74
CA SER F 36 -4.69 -15.76 9.86
C SER F 36 -5.75 -16.85 9.71
N TRP F 37 -6.96 -16.42 9.39
CA TRP F 37 -8.05 -17.31 8.92
C TRP F 37 -8.30 -16.99 7.45
N VAL F 38 -8.26 -18.02 6.62
CA VAL F 38 -8.43 -17.87 5.14
C VAL F 38 -9.52 -18.84 4.71
N ARG F 39 -10.34 -18.39 3.77
CA ARG F 39 -11.43 -19.24 3.26
C ARG F 39 -11.42 -19.25 1.74
N GLN F 40 -12.00 -20.30 1.18
CA GLN F 40 -12.26 -20.38 -0.27
C GLN F 40 -13.72 -20.74 -0.48
N ALA F 41 -14.49 -19.78 -0.98
CA ALA F 41 -15.89 -20.04 -1.43
C ALA F 41 -15.82 -20.79 -2.76
N PRO F 42 -16.83 -21.65 -3.07
CA PRO F 42 -16.82 -22.40 -4.32
C PRO F 42 -16.57 -21.54 -5.56
N GLY F 43 -15.63 -21.96 -6.40
CA GLY F 43 -15.33 -21.30 -7.67
C GLY F 43 -14.81 -19.89 -7.45
N LYS F 44 -14.06 -19.67 -6.37
CA LYS F 44 -13.47 -18.34 -6.11
C LYS F 44 -12.07 -18.53 -5.53
N GLY F 45 -11.31 -17.44 -5.55
CA GLY F 45 -9.96 -17.39 -4.97
C GLY F 45 -10.00 -17.38 -3.47
N LEU F 46 -8.82 -17.52 -2.84
CA LEU F 46 -8.69 -17.52 -1.37
C LEU F 46 -8.96 -16.11 -0.86
N GLU F 47 -9.78 -16.00 0.18
CA GLU F 47 -10.10 -14.71 0.83
C GLU F 47 -9.51 -14.74 2.24
N TRP F 48 -8.65 -13.76 2.52
CA TRP F 48 -8.06 -13.58 3.86
C TRP F 48 -9.09 -12.87 4.74
N VAL F 49 -9.61 -13.59 5.72
CA VAL F 49 -10.80 -13.14 6.49
C VAL F 49 -10.34 -12.28 7.67
N SER F 50 -9.41 -12.78 8.49
CA SER F 50 -8.93 -12.02 9.66
C SER F 50 -7.50 -12.41 9.98
N VAL F 51 -6.75 -11.46 10.50
CA VAL F 51 -5.35 -11.67 10.95
C VAL F 51 -5.23 -11.24 12.42
N VAL F 52 -4.47 -12.00 13.17
CA VAL F 52 -4.05 -11.59 14.53
C VAL F 52 -2.53 -11.62 14.56
N TYR F 53 -1.92 -10.46 14.78
CA TYR F 53 -0.45 -10.33 14.77
C TYR F 53 0.10 -10.72 16.14
N SER F 54 1.42 -10.80 16.25
CA SER F 54 2.13 -11.33 17.44
C SER F 54 1.73 -10.53 18.70
N GLY F 55 1.52 -9.21 18.55
CA GLY F 55 1.16 -8.33 19.67
C GLY F 55 -0.35 -8.18 19.87
N GLY F 56 -1.13 -9.20 19.48
CA GLY F 56 -2.59 -9.23 19.74
C GLY F 56 -3.39 -8.30 18.83
N SER F 57 -2.74 -7.49 17.99
CA SER F 57 -3.45 -6.66 16.98
C SER F 57 -4.27 -7.55 16.04
N LYS F 58 -5.48 -7.11 15.70
CA LYS F 58 -6.43 -7.91 14.89
C LYS F 58 -7.00 -7.07 13.75
N THR F 59 -7.12 -7.68 12.58
CA THR F 59 -7.79 -7.07 11.40
C THR F 59 -8.88 -8.01 10.89
N TYR F 60 -9.72 -7.47 10.03
CA TYR F 60 -10.86 -8.22 9.44
C TYR F 60 -11.12 -7.68 8.04
N ALA F 61 -11.54 -8.54 7.14
CA ALA F 61 -11.98 -8.13 5.79
C ALA F 61 -13.34 -7.44 5.89
N ASP F 62 -13.57 -6.43 5.05
CA ASP F 62 -14.82 -5.63 5.05
C ASP F 62 -16.03 -6.57 5.02
N SER F 63 -16.00 -7.60 4.17
CA SER F 63 -17.15 -8.51 3.93
C SER F 63 -17.52 -9.28 5.19
N VAL F 64 -16.79 -9.03 6.28
CA VAL F 64 -16.83 -9.90 7.50
C VAL F 64 -16.82 -9.02 8.75
N LYS F 65 -16.43 -7.75 8.60
CA LYS F 65 -16.20 -6.79 9.70
C LYS F 65 -17.45 -6.70 10.59
N GLY F 66 -17.33 -7.17 11.83
CA GLY F 66 -18.40 -7.08 12.84
C GLY F 66 -19.00 -8.43 13.17
N ARG F 67 -19.05 -9.33 12.20
CA ARG F 67 -19.71 -10.65 12.41
C ARG F 67 -18.70 -11.66 12.96
N PHE F 68 -17.44 -11.56 12.57
CA PHE F 68 -16.39 -12.54 12.97
C PHE F 68 -15.49 -11.93 14.01
N THR F 69 -14.97 -12.79 14.87
CA THR F 69 -14.00 -12.42 15.92
C THR F 69 -12.89 -13.44 15.93
N ILE F 70 -11.69 -13.02 15.51
CA ILE F 70 -10.48 -13.86 15.67
C ILE F 70 -9.98 -13.68 17.10
N SER F 71 -9.54 -14.76 17.71
CA SER F 71 -9.01 -14.75 19.09
C SER F 71 -8.13 -15.97 19.28
N ARG F 72 -7.38 -15.99 20.36
CA ARG F 72 -6.43 -17.08 20.66
C ARG F 72 -6.36 -17.33 22.16
N ASP F 73 -6.28 -18.58 22.54
CA ASP F 73 -6.31 -19.02 23.95
C ASP F 73 -4.96 -19.63 24.28
N ASN F 74 -4.24 -19.04 25.23
CA ASN F 74 -2.88 -19.52 25.59
C ASN F 74 -2.96 -20.83 26.37
N SER F 75 -4.03 -21.04 27.14
CA SER F 75 -4.19 -22.24 28.00
C SER F 75 -4.28 -23.51 27.15
N LYS F 76 -5.03 -23.45 26.05
CA LYS F 76 -5.20 -24.57 25.08
C LYS F 76 -4.29 -24.41 23.84
N ASN F 77 -3.59 -23.27 23.71
CA ASN F 77 -2.71 -22.96 22.56
C ASN F 77 -3.51 -23.17 21.27
N THR F 78 -4.69 -22.57 21.23
CA THR F 78 -5.68 -22.75 20.14
C THR F 78 -6.01 -21.39 19.56
N LEU F 79 -6.16 -21.32 18.25
CA LEU F 79 -6.71 -20.13 17.56
C LEU F 79 -8.19 -20.39 17.28
N TYR F 80 -9.02 -19.39 17.50
CA TYR F 80 -10.48 -19.47 17.31
C TYR F 80 -10.92 -18.47 16.28
N LEU F 81 -12.01 -18.80 15.60
CA LEU F 81 -12.74 -17.84 14.73
C LEU F 81 -14.22 -17.97 15.07
N GLN F 82 -14.73 -16.98 15.80
CA GLN F 82 -16.15 -16.94 16.21
C GLN F 82 -16.93 -16.26 15.08
N MET F 83 -17.89 -16.99 14.51
CA MET F 83 -18.71 -16.49 13.38
C MET F 83 -20.17 -16.35 13.81
N ASN F 84 -20.74 -15.17 13.58
CA ASN F 84 -22.12 -14.83 13.97
C ASN F 84 -22.82 -14.15 12.80
N SER F 85 -24.16 -14.20 12.82
CA SER F 85 -25.04 -13.64 11.77
C SER F 85 -24.64 -14.21 10.42
N LEU F 86 -24.40 -15.52 10.36
CA LEU F 86 -23.82 -16.18 9.16
C LEU F 86 -24.78 -16.02 7.98
N ARG F 87 -24.20 -15.71 6.82
CA ARG F 87 -24.96 -15.46 5.57
C ARG F 87 -24.57 -16.54 4.54
N ALA F 88 -25.14 -16.45 3.35
CA ALA F 88 -24.93 -17.46 2.29
C ALA F 88 -23.49 -17.38 1.79
N GLU F 89 -22.88 -16.19 1.80
CA GLU F 89 -21.52 -15.97 1.25
C GLU F 89 -20.44 -16.61 2.15
N ASP F 90 -20.76 -16.97 3.39
CA ASP F 90 -19.77 -17.52 4.34
C ASP F 90 -19.57 -19.02 4.10
N THR F 91 -20.36 -19.61 3.20
CA THR F 91 -20.17 -21.04 2.82
C THR F 91 -18.80 -21.15 2.15
N ALA F 92 -17.89 -21.92 2.75
CA ALA F 92 -16.52 -22.07 2.24
C ALA F 92 -15.79 -23.13 3.06
N VAL F 93 -14.59 -23.45 2.58
CA VAL F 93 -13.58 -24.19 3.37
C VAL F 93 -12.80 -23.13 4.13
N TYR F 94 -12.57 -23.35 5.42
CA TYR F 94 -11.86 -22.38 6.28
C TYR F 94 -10.54 -22.99 6.71
N TYR F 95 -9.48 -22.24 6.47
CA TYR F 95 -8.11 -22.64 6.90
C TYR F 95 -7.59 -21.65 7.92
N CYS F 96 -6.94 -22.16 8.96
CA CYS F 96 -6.05 -21.35 9.80
C CYS F 96 -4.64 -21.49 9.24
N ALA F 97 -3.83 -20.48 9.45
CA ALA F 97 -2.42 -20.53 9.01
C ALA F 97 -1.54 -19.63 9.86
N ARG F 98 -0.30 -20.07 10.08
CA ARG F 98 0.77 -19.16 10.52
C ARG F 98 1.32 -18.51 9.26
N ALA F 99 0.60 -17.51 8.78
CA ALA F 99 0.96 -16.77 7.56
C ALA F 99 0.32 -15.41 7.64
N VAL F 100 0.72 -14.56 6.72
CA VAL F 100 0.27 -13.16 6.72
C VAL F 100 -0.12 -12.82 5.29
N PRO F 101 -1.21 -12.06 5.08
CA PRO F 101 -1.69 -11.79 3.72
C PRO F 101 -0.78 -10.90 2.88
N HIS F 102 0.15 -10.18 3.52
CA HIS F 102 0.95 -9.12 2.86
C HIS F 102 1.92 -9.74 1.85
N SER F 103 2.62 -10.79 2.24
CA SER F 103 3.61 -11.47 1.38
C SER F 103 3.82 -12.89 1.89
N PRO F 104 4.11 -13.83 1.00
CA PRO F 104 4.36 -15.20 1.42
C PRO F 104 5.71 -15.30 2.14
N SER F 105 5.86 -16.39 2.86
CA SER F 105 7.11 -16.74 3.57
C SER F 105 7.32 -18.23 3.47
N SER F 106 8.59 -18.65 3.43
CA SER F 106 8.97 -20.09 3.47
C SER F 106 8.54 -20.75 4.78
N PHE F 107 8.20 -19.97 5.79
CA PHE F 107 7.74 -20.50 7.10
C PHE F 107 6.21 -20.50 7.18
N ASP F 108 5.51 -20.17 6.09
CA ASP F 108 4.04 -20.26 6.08
C ASP F 108 3.62 -21.71 6.31
N ILE F 109 2.64 -21.91 7.17
CA ILE F 109 2.13 -23.25 7.57
C ILE F 109 0.61 -23.18 7.64
N TRP F 110 -0.06 -24.18 7.08
CA TRP F 110 -1.53 -24.21 6.93
C TRP F 110 -2.13 -25.40 7.63
N GLY F 111 -3.32 -25.18 8.20
CA GLY F 111 -4.13 -26.29 8.69
C GLY F 111 -4.83 -27.01 7.54
N GLN F 112 -5.45 -28.14 7.84
CA GLN F 112 -6.08 -29.04 6.85
C GLN F 112 -7.50 -28.56 6.50
N GLY F 113 -8.01 -27.53 7.15
CA GLY F 113 -9.29 -26.90 6.76
C GLY F 113 -10.50 -27.51 7.46
N THR F 114 -11.61 -26.81 7.40
CA THR F 114 -12.92 -27.34 7.83
C THR F 114 -14.01 -26.74 6.95
N MET F 115 -15.03 -27.54 6.68
CA MET F 115 -16.15 -27.15 5.80
C MET F 115 -17.19 -26.44 6.64
N VAL F 116 -17.67 -25.31 6.12
CA VAL F 116 -18.78 -24.52 6.70
C VAL F 116 -19.81 -24.31 5.61
N THR F 117 -21.00 -24.87 5.82
CA THR F 117 -22.14 -24.80 4.87
C THR F 117 -23.28 -24.03 5.52
N VAL F 118 -23.69 -22.94 4.89
CA VAL F 118 -24.80 -22.08 5.39
C VAL F 118 -25.99 -22.23 4.44
N SER F 119 -26.75 -23.30 4.61
CA SER F 119 -27.92 -23.62 3.75
C SER F 119 -29.17 -23.01 4.37
N SER F 120 -30.07 -22.53 3.52
CA SER F 120 -31.37 -21.92 3.91
C SER F 120 -32.19 -22.94 4.73
N ALA G 2 -5.82 -0.52 -12.28
CA ALA G 2 -6.26 0.13 -13.55
C ALA G 2 -7.75 -0.12 -13.75
N MET G 3 -8.31 0.50 -14.79
CA MET G 3 -9.75 0.40 -15.14
C MET G 3 -9.93 0.97 -16.54
N HIS G 4 -10.89 0.40 -17.27
CA HIS G 4 -11.21 0.84 -18.65
C HIS G 4 -12.10 2.09 -18.60
N VAL G 5 -11.71 3.11 -19.35
CA VAL G 5 -12.54 4.33 -19.56
C VAL G 5 -12.72 4.55 -21.06
N ALA G 6 -13.98 4.69 -21.49
CA ALA G 6 -14.34 4.83 -22.92
C ALA G 6 -14.89 6.22 -23.19
N GLN G 7 -14.32 6.87 -24.20
CA GLN G 7 -14.83 8.18 -24.70
C GLN G 7 -14.69 8.20 -26.22
N PRO G 8 -15.58 8.92 -26.93
CA PRO G 8 -15.55 8.93 -28.39
C PRO G 8 -14.25 9.52 -28.96
N ALA G 9 -13.76 8.99 -30.05
CA ALA G 9 -12.46 9.39 -30.62
C ALA G 9 -12.53 10.82 -31.18
N VAL G 10 -13.67 11.22 -31.72
CA VAL G 10 -13.81 12.52 -32.42
C VAL G 10 -15.07 13.23 -31.93
N VAL G 11 -14.98 14.54 -31.84
CA VAL G 11 -16.14 15.41 -31.50
C VAL G 11 -15.88 16.75 -32.18
N LEU G 12 -16.93 17.31 -32.79
CA LEU G 12 -16.84 18.64 -33.46
C LEU G 12 -17.61 19.62 -32.61
N ALA G 13 -16.97 20.74 -32.27
CA ALA G 13 -17.61 21.76 -31.42
C ALA G 13 -18.67 22.49 -32.24
N SER G 14 -19.71 22.99 -31.57
CA SER G 14 -20.81 23.73 -32.22
C SER G 14 -20.29 25.11 -32.63
N SER G 15 -21.15 25.88 -33.30
CA SER G 15 -20.86 27.29 -33.70
C SER G 15 -20.61 28.13 -32.45
N ARG G 16 -21.32 27.87 -31.36
CA ARG G 16 -21.24 28.68 -30.12
C ARG G 16 -20.00 28.32 -29.30
N GLY G 17 -19.16 27.39 -29.78
CA GLY G 17 -17.97 26.94 -29.04
C GLY G 17 -18.30 25.94 -27.93
N ILE G 18 -19.29 25.08 -28.16
CA ILE G 18 -19.72 24.08 -27.15
C ILE G 18 -19.43 22.69 -27.71
N ALA G 19 -18.90 21.81 -26.88
CA ALA G 19 -18.59 20.42 -27.27
C ALA G 19 -19.04 19.49 -26.16
N SER G 20 -19.64 18.39 -26.53
CA SER G 20 -20.16 17.38 -25.58
C SER G 20 -19.52 16.02 -25.87
N PHE G 21 -19.27 15.28 -24.81
CA PHE G 21 -18.80 13.88 -24.92
C PHE G 21 -19.14 13.18 -23.62
N VAL G 22 -19.14 11.86 -23.69
CA VAL G 22 -19.52 10.99 -22.55
C VAL G 22 -18.31 10.16 -22.19
N CYS G 23 -18.02 10.12 -20.89
CA CYS G 23 -17.02 9.19 -20.34
C CYS G 23 -17.75 8.06 -19.64
N GLU G 24 -17.41 6.85 -20.06
CA GLU G 24 -18.05 5.60 -19.59
C GLU G 24 -17.06 4.95 -18.63
N TYR G 25 -17.52 4.73 -17.40
CA TYR G 25 -16.81 3.92 -16.37
C TYR G 25 -17.78 2.83 -15.95
N THR G 32 -20.14 5.02 -5.36
CA THR G 32 -18.75 5.17 -4.87
C THR G 32 -18.34 6.61 -5.14
N GLU G 33 -17.54 7.19 -4.24
CA GLU G 33 -17.08 8.59 -4.40
C GLU G 33 -16.08 8.66 -5.54
N VAL G 34 -16.36 9.56 -6.47
CA VAL G 34 -15.67 9.61 -7.79
C VAL G 34 -15.20 11.04 -8.04
N ARG G 35 -13.97 11.17 -8.48
CA ARG G 35 -13.46 12.44 -9.03
C ARG G 35 -13.20 12.23 -10.52
N VAL G 36 -13.75 13.11 -11.34
CA VAL G 36 -13.52 13.11 -12.81
C VAL G 36 -12.77 14.38 -13.16
N THR G 37 -11.66 14.22 -13.85
CA THR G 37 -10.84 15.36 -14.30
C THR G 37 -10.73 15.29 -15.82
N VAL G 38 -10.88 16.45 -16.47
CA VAL G 38 -10.68 16.57 -17.93
C VAL G 38 -9.28 17.11 -18.13
N LEU G 39 -8.45 16.31 -18.79
CA LEU G 39 -7.07 16.70 -19.11
C LEU G 39 -7.02 17.03 -20.60
N ARG G 40 -6.42 18.15 -20.95
CA ARG G 40 -6.10 18.47 -22.34
C ARG G 40 -4.63 18.12 -22.56
N GLN G 41 -4.38 17.29 -23.59
CA GLN G 41 -3.03 16.81 -23.98
C GLN G 41 -2.62 17.51 -25.27
N ALA G 42 -1.77 18.53 -25.15
CA ALA G 42 -1.08 19.19 -26.27
C ALA G 42 0.41 18.88 -26.13
N ASP G 43 0.98 18.18 -27.11
CA ASP G 43 2.36 17.68 -27.06
C ASP G 43 2.45 16.74 -25.86
N SER G 44 3.51 16.82 -25.05
CA SER G 44 3.62 16.04 -23.78
C SER G 44 2.98 16.79 -22.61
N GLN G 45 2.46 18.00 -22.86
CA GLN G 45 1.90 18.91 -21.82
C GLN G 45 0.48 18.48 -21.45
N VAL G 46 0.16 18.61 -20.17
CA VAL G 46 -1.16 18.26 -19.60
C VAL G 46 -1.72 19.49 -18.90
N THR G 47 -3.01 19.75 -19.13
CA THR G 47 -3.73 20.85 -18.46
C THR G 47 -4.99 20.26 -17.87
N GLU G 48 -5.18 20.42 -16.56
CA GLU G 48 -6.45 20.01 -15.94
C GLU G 48 -7.46 21.09 -16.30
N VAL G 49 -8.22 20.86 -17.38
CA VAL G 49 -9.18 21.88 -17.90
C VAL G 49 -10.26 22.10 -16.83
N CYS G 50 -10.76 21.03 -16.26
CA CYS G 50 -11.81 21.10 -15.23
C CYS G 50 -11.84 19.80 -14.44
N ALA G 51 -12.48 19.83 -13.29
CA ALA G 51 -12.56 18.66 -12.40
C ALA G 51 -13.90 18.68 -11.72
N ALA G 52 -14.45 17.50 -11.51
CA ALA G 52 -15.71 17.32 -10.78
C ALA G 52 -15.57 16.12 -9.86
N THR G 53 -16.16 16.24 -8.68
CA THR G 53 -16.21 15.15 -7.69
C THR G 53 -17.68 14.90 -7.42
N TYR G 54 -18.01 13.64 -7.20
CA TYR G 54 -19.39 13.28 -6.82
C TYR G 54 -19.41 11.84 -6.33
N MET G 55 -20.47 11.54 -5.58
CA MET G 55 -20.94 10.16 -5.30
C MET G 55 -22.10 9.83 -6.22
N MET G 56 -22.07 8.64 -6.81
CA MET G 56 -23.07 8.21 -7.83
C MET G 56 -24.47 8.43 -7.24
N GLY G 57 -25.32 9.16 -7.99
CA GLY G 57 -26.68 9.48 -7.56
C GLY G 57 -26.83 10.93 -7.16
N ASN G 58 -25.75 11.71 -7.21
CA ASN G 58 -25.79 13.16 -6.85
C ASN G 58 -25.56 13.99 -8.10
N GLU G 59 -26.05 15.24 -8.07
CA GLU G 59 -25.63 16.29 -9.04
C GLU G 59 -24.14 16.55 -8.82
N LEU G 60 -23.29 16.20 -9.79
CA LEU G 60 -21.83 16.32 -9.62
C LEU G 60 -21.45 17.80 -9.51
N THR G 61 -20.51 18.08 -8.61
CA THR G 61 -20.04 19.44 -8.31
C THR G 61 -18.68 19.65 -8.97
N PHE G 62 -18.57 20.72 -9.74
CA PHE G 62 -17.31 21.09 -10.40
C PHE G 62 -16.49 21.95 -9.45
N LEU G 63 -15.18 21.75 -9.45
CA LEU G 63 -14.24 22.54 -8.61
C LEU G 63 -14.14 23.95 -9.17
N ASP G 64 -14.57 24.13 -10.42
CA ASP G 64 -14.82 25.47 -11.02
C ASP G 64 -15.88 25.26 -12.09
N ASP G 65 -16.92 26.10 -12.09
CA ASP G 65 -18.16 25.90 -12.86
C ASP G 65 -18.21 26.78 -14.13
N SER G 66 -17.09 27.38 -14.55
CA SER G 66 -17.08 28.40 -15.64
C SER G 66 -16.71 27.77 -16.99
N ILE G 67 -16.23 26.53 -17.01
CA ILE G 67 -15.75 25.90 -18.27
C ILE G 67 -16.60 24.66 -18.59
N CYS G 68 -16.79 23.78 -17.62
CA CYS G 68 -17.42 22.47 -17.84
C CYS G 68 -18.72 22.39 -17.06
N THR G 69 -19.70 21.74 -17.66
CA THR G 69 -20.95 21.30 -17.01
C THR G 69 -21.08 19.81 -17.24
N GLY G 70 -21.95 19.17 -16.49
CA GLY G 70 -22.17 17.74 -16.73
C GLY G 70 -23.25 17.14 -15.85
N THR G 71 -23.50 15.87 -16.11
CA THR G 71 -24.35 15.00 -15.27
C THR G 71 -23.75 13.59 -15.33
N SER G 72 -24.21 12.74 -14.42
CA SER G 72 -23.81 11.31 -14.40
C SER G 72 -25.06 10.46 -14.25
N SER G 73 -25.12 9.36 -14.99
CA SER G 73 -26.22 8.37 -14.94
C SER G 73 -25.62 6.96 -14.84
N GLY G 74 -25.49 6.47 -13.60
CA GLY G 74 -24.96 5.14 -13.34
C GLY G 74 -23.50 5.06 -13.69
N ASN G 75 -23.21 4.67 -14.93
CA ASN G 75 -21.85 4.21 -15.34
C ASN G 75 -21.20 5.16 -16.36
N GLN G 76 -21.57 6.45 -16.33
CA GLN G 76 -21.03 7.39 -17.35
C GLN G 76 -21.15 8.83 -16.86
N VAL G 77 -20.34 9.68 -17.48
CA VAL G 77 -20.36 11.15 -17.24
C VAL G 77 -20.68 11.84 -18.56
N ASN G 78 -21.70 12.69 -18.56
CA ASN G 78 -22.12 13.48 -19.74
C ASN G 78 -21.52 14.88 -19.60
N LEU G 79 -20.33 15.08 -20.17
CA LEU G 79 -19.57 16.34 -19.98
C LEU G 79 -19.84 17.29 -21.15
N THR G 80 -19.91 18.57 -20.82
CA THR G 80 -20.06 19.67 -21.79
C THR G 80 -19.03 20.76 -21.49
N ILE G 81 -18.27 21.15 -22.52
CA ILE G 81 -17.23 22.21 -22.43
C ILE G 81 -17.66 23.35 -23.31
N GLN G 82 -17.67 24.56 -22.75
CA GLN G 82 -18.16 25.77 -23.45
C GLN G 82 -17.01 26.75 -23.65
N GLY G 83 -17.22 27.72 -24.54
CA GLY G 83 -16.30 28.85 -24.75
C GLY G 83 -15.07 28.43 -25.53
N LEU G 84 -15.20 27.44 -26.41
CA LEU G 84 -14.04 26.88 -27.14
C LEU G 84 -13.78 27.72 -28.39
N ARG G 85 -12.51 27.99 -28.65
CA ARG G 85 -12.02 28.63 -29.89
C ARG G 85 -11.11 27.63 -30.62
N ALA G 86 -10.69 28.00 -31.83
CA ALA G 86 -9.92 27.09 -32.69
C ALA G 86 -8.66 26.65 -31.97
N MET G 87 -8.03 27.56 -31.22
CA MET G 87 -6.80 27.24 -30.45
C MET G 87 -7.05 26.14 -29.43
N ASP G 88 -8.30 25.93 -28.99
CA ASP G 88 -8.63 24.90 -27.98
C ASP G 88 -8.75 23.53 -28.63
N THR G 89 -8.62 23.45 -29.95
CA THR G 89 -8.66 22.14 -30.65
C THR G 89 -7.55 21.27 -30.07
N GLY G 90 -7.88 20.04 -29.69
CA GLY G 90 -6.86 19.11 -29.22
C GLY G 90 -7.49 17.91 -28.61
N LEU G 91 -6.65 17.10 -27.95
CA LEU G 91 -7.07 15.83 -27.32
C LEU G 91 -7.48 16.13 -25.89
N TYR G 92 -8.70 15.72 -25.52
CA TYR G 92 -9.26 15.96 -24.19
C TYR G 92 -9.45 14.62 -23.50
N ILE G 93 -8.58 14.35 -22.52
CA ILE G 93 -8.51 13.05 -21.80
C ILE G 93 -9.46 13.08 -20.62
N CYS G 94 -10.19 11.99 -20.44
CA CYS G 94 -11.16 11.83 -19.33
C CYS G 94 -10.54 10.91 -18.28
N LYS G 95 -10.33 11.45 -17.07
CA LYS G 95 -9.76 10.69 -15.93
C LYS G 95 -10.83 10.49 -14.86
N VAL G 96 -11.11 9.23 -14.56
CA VAL G 96 -12.12 8.87 -13.53
C VAL G 96 -11.37 8.15 -12.42
N GLU G 97 -11.62 8.58 -11.19
CA GLU G 97 -10.98 8.01 -9.98
C GLU G 97 -12.10 7.44 -9.11
N LEU G 98 -12.04 6.14 -8.85
CA LEU G 98 -12.92 5.49 -7.84
C LEU G 98 -12.16 5.58 -6.52
N MET G 99 -12.48 6.62 -5.74
CA MET G 99 -11.65 7.01 -4.57
C MET G 99 -12.08 6.18 -3.36
N TYR G 100 -13.38 6.19 -3.04
CA TYR G 100 -13.90 5.57 -1.79
C TYR G 100 -15.33 5.08 -1.98
N PRO G 101 -15.71 3.87 -1.53
CA PRO G 101 -14.86 2.96 -0.74
C PRO G 101 -13.69 2.30 -1.46
N PRO G 102 -12.68 1.82 -0.72
CA PRO G 102 -11.53 1.14 -1.32
C PRO G 102 -11.97 -0.13 -2.05
N PRO G 103 -11.16 -0.64 -3.01
CA PRO G 103 -9.87 -0.06 -3.37
C PRO G 103 -9.94 1.15 -4.31
N TYR G 104 -8.81 1.81 -4.50
CA TYR G 104 -8.65 3.00 -5.36
C TYR G 104 -8.36 2.52 -6.78
N TYR G 105 -9.12 3.05 -7.74
CA TYR G 105 -8.95 2.75 -9.19
C TYR G 105 -8.65 4.05 -9.94
N LEU G 106 -7.67 3.98 -10.83
CA LEU G 106 -7.28 5.09 -11.71
C LEU G 106 -7.53 4.66 -13.16
N GLY G 107 -8.57 5.21 -13.77
CA GLY G 107 -8.92 4.93 -15.18
C GLY G 107 -8.71 6.14 -16.07
N ILE G 108 -7.83 6.01 -17.06
CA ILE G 108 -7.48 7.10 -18.02
C ILE G 108 -8.05 6.75 -19.38
N GLY G 109 -9.03 7.54 -19.82
CA GLY G 109 -9.66 7.36 -21.13
C GLY G 109 -8.64 7.50 -22.23
N ASN G 110 -9.03 7.05 -23.41
CA ASN G 110 -8.16 7.11 -24.62
C ASN G 110 -8.01 8.55 -25.11
N GLY G 111 -9.07 9.35 -24.97
CA GLY G 111 -8.99 10.77 -25.35
C GLY G 111 -9.92 11.12 -26.49
N THR G 112 -10.74 12.14 -26.27
CA THR G 112 -11.69 12.67 -27.26
C THR G 112 -11.04 13.82 -28.00
N GLN G 113 -10.70 13.60 -29.26
CA GLN G 113 -10.17 14.68 -30.11
C GLN G 113 -11.32 15.65 -30.42
N ILE G 114 -11.23 16.88 -29.89
CA ILE G 114 -12.26 17.93 -30.07
C ILE G 114 -11.76 18.90 -31.13
N TYR G 115 -12.52 19.05 -32.20
CA TYR G 115 -12.18 20.00 -33.28
C TYR G 115 -13.07 21.23 -33.10
N VAL G 116 -12.46 22.39 -33.25
CA VAL G 116 -13.18 23.68 -33.17
C VAL G 116 -12.84 24.48 -34.42
N ILE G 117 -13.78 24.56 -35.35
CA ILE G 117 -13.57 25.26 -36.63
C ILE G 117 -13.84 26.73 -36.40
N ASP G 118 -13.00 27.60 -36.96
CA ASP G 118 -13.19 29.08 -36.96
C ASP G 118 -13.13 29.62 -35.52
N GLY H 1 -12.09 33.52 -9.50
CA GLY H 1 -12.69 33.57 -8.14
C GLY H 1 -11.69 33.19 -7.06
N GLU H 2 -11.52 34.06 -6.05
CA GLU H 2 -10.58 33.83 -4.94
C GLU H 2 -11.21 32.91 -3.90
N VAL H 3 -10.50 31.82 -3.58
CA VAL H 3 -10.98 30.81 -2.60
C VAL H 3 -10.19 30.97 -1.31
N GLN H 4 -10.89 31.02 -0.18
CA GLN H 4 -10.28 31.27 1.14
C GLN H 4 -10.59 30.12 2.09
N LEU H 5 -9.54 29.52 2.65
CA LEU H 5 -9.65 28.52 3.74
C LEU H 5 -8.99 29.08 5.01
N VAL H 6 -9.81 29.63 5.90
CA VAL H 6 -9.34 30.30 7.13
C VAL H 6 -9.51 29.34 8.30
N GLU H 7 -8.39 28.94 8.89
CA GLU H 7 -8.39 28.01 10.04
C GLU H 7 -8.35 28.79 11.34
N SER H 8 -8.71 28.10 12.42
CA SER H 8 -8.79 28.68 13.77
C SER H 8 -8.98 27.55 14.78
N GLY H 9 -8.91 27.90 16.07
CA GLY H 9 -9.34 27.03 17.17
C GLY H 9 -8.25 26.08 17.67
N GLY H 10 -7.00 26.29 17.29
CA GLY H 10 -5.90 25.48 17.84
C GLY H 10 -5.36 26.06 19.13
N GLY H 11 -4.15 25.65 19.48
CA GLY H 11 -3.39 26.24 20.59
C GLY H 11 -2.66 25.19 21.40
N LEU H 12 -2.46 25.51 22.67
CA LEU H 12 -1.79 24.63 23.65
C LEU H 12 -2.86 23.95 24.49
N ILE H 13 -2.59 22.70 24.85
CA ILE H 13 -3.53 21.87 25.65
C ILE H 13 -2.70 20.81 26.37
N GLN H 14 -3.17 20.42 27.55
CA GLN H 14 -2.53 19.34 28.34
C GLN H 14 -2.98 17.99 27.80
N PRO H 15 -2.18 16.92 27.98
CA PRO H 15 -2.55 15.58 27.54
C PRO H 15 -3.92 15.14 28.06
N GLY H 16 -4.65 14.38 27.25
CA GLY H 16 -6.01 13.92 27.55
C GLY H 16 -7.07 14.96 27.22
N GLY H 17 -6.68 16.21 27.00
CA GLY H 17 -7.63 17.31 26.72
C GLY H 17 -8.23 17.20 25.34
N SER H 18 -9.18 18.09 25.06
CA SER H 18 -9.90 18.14 23.78
C SER H 18 -9.61 19.46 23.07
N LEU H 19 -9.76 19.47 21.74
CA LEU H 19 -9.69 20.68 20.91
C LEU H 19 -10.60 20.53 19.71
N ARG H 20 -11.02 21.66 19.18
CA ARG H 20 -11.94 21.71 18.01
C ARG H 20 -11.37 22.71 17.02
N LEU H 21 -10.68 22.20 15.99
CA LEU H 21 -10.18 23.06 14.91
C LEU H 21 -11.33 23.37 13.96
N SER H 22 -11.34 24.61 13.47
CA SER H 22 -12.31 25.07 12.46
C SER H 22 -11.58 25.49 11.17
N CYS H 23 -12.31 25.50 10.06
CA CYS H 23 -11.77 25.86 8.74
C CYS H 23 -12.86 26.59 7.98
N ALA H 24 -12.92 27.92 8.12
CA ALA H 24 -13.97 28.75 7.50
C ALA H 24 -13.67 28.86 6.01
N VAL H 25 -14.67 28.59 5.19
CA VAL H 25 -14.50 28.46 3.71
C VAL H 25 -15.36 29.50 3.01
N SER H 26 -14.81 30.11 1.98
CA SER H 26 -15.55 30.95 0.99
C SER H 26 -14.96 30.68 -0.38
N GLY H 27 -15.83 30.44 -1.37
CA GLY H 27 -15.41 30.16 -2.76
C GLY H 27 -15.96 28.85 -3.27
N PHE H 28 -16.31 27.93 -2.37
CA PHE H 28 -16.98 26.68 -2.74
C PHE H 28 -17.86 26.22 -1.59
N THR H 29 -18.88 25.43 -1.92
CA THR H 29 -19.82 24.86 -0.94
C THR H 29 -19.18 23.63 -0.30
N VAL H 30 -18.96 23.69 1.00
CA VAL H 30 -18.23 22.62 1.75
C VAL H 30 -19.05 21.33 1.73
N SER H 31 -20.36 21.41 1.97
CA SER H 31 -21.24 20.23 2.09
C SER H 31 -21.30 19.46 0.77
N LYS H 32 -20.79 20.01 -0.33
CA LYS H 32 -20.83 19.35 -1.66
C LYS H 32 -19.42 19.13 -2.20
N ASN H 33 -18.40 19.17 -1.35
CA ASN H 33 -16.99 18.95 -1.77
C ASN H 33 -16.30 17.98 -0.81
N TYR H 34 -15.18 17.43 -1.26
CA TYR H 34 -14.28 16.67 -0.37
C TYR H 34 -13.34 17.66 0.32
N MET H 35 -12.97 17.33 1.55
CA MET H 35 -11.95 18.07 2.33
C MET H 35 -11.18 17.08 3.19
N SER H 36 -9.99 17.47 3.58
CA SER H 36 -9.11 16.63 4.41
C SER H 36 -8.41 17.49 5.47
N TRP H 37 -8.11 16.87 6.60
CA TRP H 37 -7.25 17.45 7.65
C TRP H 37 -5.90 16.75 7.54
N VAL H 38 -4.86 17.54 7.38
CA VAL H 38 -3.47 17.05 7.25
C VAL H 38 -2.65 17.71 8.34
N ARG H 39 -1.60 17.04 8.79
CA ARG H 39 -0.75 17.56 9.88
C ARG H 39 0.69 17.20 9.61
N GLN H 40 1.60 18.02 10.14
CA GLN H 40 3.05 17.75 10.09
C GLN H 40 3.59 17.88 11.51
N ALA H 41 4.07 16.77 12.05
CA ALA H 41 4.72 16.75 13.38
C ALA H 41 6.15 17.23 13.22
N PRO H 42 6.74 17.86 14.27
CA PRO H 42 8.11 18.35 14.18
C PRO H 42 9.07 17.26 13.69
N GLY H 43 9.83 17.57 12.64
CA GLY H 43 10.82 16.65 12.08
C GLY H 43 10.17 15.43 11.45
N LYS H 44 8.96 15.58 10.92
CA LYS H 44 8.27 14.47 10.23
C LYS H 44 7.61 14.99 8.96
N GLY H 45 7.09 14.07 8.16
CA GLY H 45 6.43 14.41 6.90
C GLY H 45 4.95 14.67 7.10
N LEU H 46 4.27 15.00 6.01
CA LEU H 46 2.81 15.26 6.01
C LEU H 46 2.08 13.95 6.27
N GLU H 47 1.19 13.95 7.25
CA GLU H 47 0.33 12.80 7.56
C GLU H 47 -1.11 13.23 7.35
N TRP H 48 -1.84 12.46 6.55
CA TRP H 48 -3.27 12.72 6.26
C TRP H 48 -4.09 12.15 7.40
N VAL H 49 -4.71 13.02 8.19
CA VAL H 49 -5.35 12.62 9.47
C VAL H 49 -6.78 12.16 9.19
N SER H 50 -7.51 12.89 8.36
CA SER H 50 -8.95 12.61 8.19
C SER H 50 -9.40 13.12 6.83
N VAL H 51 -10.37 12.43 6.24
CA VAL H 51 -10.93 12.82 4.93
C VAL H 51 -12.44 12.75 5.05
N VAL H 52 -13.12 13.71 4.45
CA VAL H 52 -14.58 13.62 4.19
C VAL H 52 -14.74 13.76 2.67
N TYR H 53 -15.59 12.93 2.07
CA TYR H 53 -15.90 12.98 0.62
C TYR H 53 -17.22 13.70 0.40
N SER H 54 -17.53 13.96 -0.86
CA SER H 54 -18.61 14.89 -1.26
C SER H 54 -19.98 14.42 -0.73
N GLY H 55 -20.16 13.11 -0.55
CA GLY H 55 -21.44 12.52 -0.08
C GLY H 55 -21.58 12.56 1.43
N GLY H 56 -20.47 12.53 2.18
CA GLY H 56 -20.50 12.63 3.65
C GLY H 56 -19.74 11.52 4.32
N SER H 57 -19.28 10.51 3.56
CA SER H 57 -18.48 9.37 4.09
C SER H 57 -17.09 9.83 4.53
N LYS H 58 -16.58 9.26 5.62
CA LYS H 58 -15.37 9.76 6.30
C LYS H 58 -14.39 8.62 6.56
N THR H 59 -13.10 8.93 6.48
CA THR H 59 -12.00 8.01 6.87
C THR H 59 -11.10 8.69 7.89
N TYR H 60 -10.37 7.87 8.63
CA TYR H 60 -9.46 8.34 9.68
C TYR H 60 -8.18 7.50 9.60
N ALA H 61 -7.07 8.13 9.90
CA ALA H 61 -5.81 7.40 10.13
C ALA H 61 -6.01 6.55 11.39
N ASP H 62 -5.40 5.37 11.43
CA ASP H 62 -5.57 4.43 12.57
C ASP H 62 -4.88 4.99 13.82
N SER H 63 -3.96 5.96 13.65
CA SER H 63 -3.28 6.62 14.80
C SER H 63 -4.16 7.71 15.43
N VAL H 64 -5.38 7.92 14.94
CA VAL H 64 -6.30 8.95 15.51
C VAL H 64 -7.72 8.41 15.54
N LYS H 65 -7.91 7.17 15.11
CA LYS H 65 -9.27 6.59 14.97
C LYS H 65 -9.92 6.47 16.34
N GLY H 66 -11.19 6.85 16.43
CA GLY H 66 -11.97 6.79 17.68
C GLY H 66 -11.88 8.07 18.51
N ARG H 67 -10.82 8.87 18.33
CA ARG H 67 -10.64 10.13 19.10
C ARG H 67 -10.96 11.34 18.23
N PHE H 68 -10.52 11.34 16.96
CA PHE H 68 -10.73 12.48 16.04
C PHE H 68 -12.07 12.31 15.35
N THR H 69 -12.79 13.42 15.19
CA THR H 69 -14.08 13.44 14.47
C THR H 69 -14.08 14.62 13.49
N ILE H 70 -14.14 14.31 12.20
CA ILE H 70 -14.24 15.34 11.13
C ILE H 70 -15.71 15.64 10.90
N SER H 71 -16.01 16.91 10.68
CA SER H 71 -17.40 17.41 10.60
C SER H 71 -17.45 18.62 9.66
N ARG H 72 -18.64 18.86 9.11
CA ARG H 72 -18.87 20.04 8.26
C ARG H 72 -20.25 20.62 8.56
N ASP H 73 -20.31 21.94 8.69
CA ASP H 73 -21.55 22.68 9.01
C ASP H 73 -21.99 23.42 7.76
N ASN H 74 -23.14 23.04 7.22
CA ASN H 74 -23.64 23.62 5.94
C ASN H 74 -23.99 25.10 6.14
N SER H 75 -24.47 25.49 7.32
CA SER H 75 -24.95 26.87 7.58
C SER H 75 -23.75 27.82 7.59
N LYS H 76 -22.66 27.43 8.25
CA LYS H 76 -21.46 28.30 8.40
C LYS H 76 -20.42 28.06 7.29
N ASN H 77 -20.67 27.08 6.41
CA ASN H 77 -19.71 26.69 5.33
C ASN H 77 -18.33 26.46 5.96
N THR H 78 -18.29 25.68 7.03
CA THR H 78 -17.05 25.46 7.81
C THR H 78 -16.80 23.96 7.97
N LEU H 79 -15.52 23.59 7.96
CA LEU H 79 -15.06 22.23 8.26
C LEU H 79 -14.48 22.22 9.67
N TYR H 80 -14.84 21.22 10.46
CA TYR H 80 -14.39 21.09 11.87
C TYR H 80 -13.57 19.81 12.02
N LEU H 81 -12.68 19.84 13.00
CA LEU H 81 -11.94 18.64 13.43
C LEU H 81 -11.96 18.64 14.95
N GLN H 82 -12.78 17.75 15.52
CA GLN H 82 -12.86 17.55 16.98
C GLN H 82 -11.75 16.58 17.34
N MET H 83 -10.80 17.02 18.14
CA MET H 83 -9.69 16.18 18.60
C MET H 83 -9.84 15.91 20.10
N ASN H 84 -9.99 14.64 20.48
CA ASN H 84 -10.15 14.22 21.89
C ASN H 84 -9.00 13.31 22.26
N SER H 85 -8.81 13.10 23.57
CA SER H 85 -7.77 12.20 24.13
C SER H 85 -6.41 12.58 23.56
N LEU H 86 -6.13 13.87 23.48
CA LEU H 86 -4.90 14.37 22.80
C LEU H 86 -3.66 13.89 23.54
N ARG H 87 -2.66 13.47 22.78
CA ARG H 87 -1.35 13.00 23.31
C ARG H 87 -0.24 13.81 22.65
N ALA H 88 0.97 13.67 23.17
CA ALA H 88 2.17 14.39 22.67
C ALA H 88 2.42 14.05 21.19
N GLU H 89 1.92 12.90 20.71
CA GLU H 89 2.09 12.47 19.30
C GLU H 89 1.26 13.38 18.38
N ASP H 90 0.30 14.12 18.93
CA ASP H 90 -0.63 14.96 18.13
C ASP H 90 -0.13 16.41 18.06
N THR H 91 1.05 16.69 18.57
CA THR H 91 1.67 18.03 18.45
C THR H 91 2.13 18.19 17.01
N ALA H 92 1.50 19.10 16.27
CA ALA H 92 1.79 19.29 14.84
C ALA H 92 1.15 20.59 14.35
N VAL H 93 1.47 20.92 13.12
CA VAL H 93 0.75 21.97 12.37
C VAL H 93 -0.39 21.28 11.65
N TYR H 94 -1.60 21.82 11.77
CA TYR H 94 -2.80 21.21 11.19
C TYR H 94 -3.34 22.08 10.06
N TYR H 95 -3.57 21.45 8.92
CA TYR H 95 -4.10 22.12 7.71
C TYR H 95 -5.41 21.46 7.31
N CYS H 96 -6.38 22.28 6.93
CA CYS H 96 -7.51 21.82 6.11
C CYS H 96 -7.14 22.03 4.62
N ALA H 97 -7.80 21.31 3.73
CA ALA H 97 -7.58 21.45 2.29
C ALA H 97 -8.73 20.82 1.52
N ARG H 98 -9.13 21.46 0.43
CA ARG H 98 -9.98 20.81 -0.58
C ARG H 98 -9.05 19.94 -1.40
N ALA H 99 -8.72 18.78 -0.88
CA ALA H 99 -7.75 17.85 -1.49
C ALA H 99 -8.03 16.44 -0.97
N VAL H 100 -7.30 15.48 -1.51
CA VAL H 100 -7.52 14.05 -1.22
C VAL H 100 -6.17 13.37 -1.18
N PRO H 101 -6.02 12.35 -0.31
CA PRO H 101 -4.72 11.71 -0.10
C PRO H 101 -4.20 10.91 -1.31
N HIS H 102 -5.12 10.34 -2.11
CA HIS H 102 -4.79 9.35 -3.17
C HIS H 102 -3.83 9.95 -4.20
N SER H 103 -4.23 11.05 -4.84
CA SER H 103 -3.41 11.74 -5.87
C SER H 103 -3.64 13.25 -5.81
N PRO H 104 -2.61 14.05 -6.10
CA PRO H 104 -2.79 15.49 -6.09
C PRO H 104 -3.59 15.97 -7.31
N SER H 105 -4.15 17.17 -7.17
CA SER H 105 -4.92 17.84 -8.23
C SER H 105 -4.41 19.28 -8.36
N SER H 106 -4.44 19.80 -9.58
CA SER H 106 -4.18 21.24 -9.86
C SER H 106 -5.21 22.11 -9.12
N PHE H 107 -6.33 21.55 -8.68
CA PHE H 107 -7.37 22.30 -7.94
C PHE H 107 -7.24 22.14 -6.42
N ASP H 108 -6.16 21.54 -5.94
CA ASP H 108 -5.91 21.44 -4.48
C ASP H 108 -5.68 22.84 -3.91
N ILE H 109 -6.50 23.23 -2.93
CA ILE H 109 -6.32 24.48 -2.15
C ILE H 109 -6.11 24.08 -0.70
N TRP H 110 -5.13 24.71 -0.05
CA TRP H 110 -4.77 24.45 1.35
C TRP H 110 -5.05 25.66 2.23
N GLY H 111 -5.44 25.39 3.47
CA GLY H 111 -5.58 26.44 4.49
C GLY H 111 -4.23 26.92 4.97
N GLN H 112 -4.25 28.03 5.71
CA GLN H 112 -3.02 28.66 6.26
C GLN H 112 -2.50 27.91 7.50
N GLY H 113 -3.28 26.99 8.06
CA GLY H 113 -2.78 26.10 9.12
C GLY H 113 -3.06 26.66 10.51
N THR H 114 -2.78 25.86 11.51
CA THR H 114 -2.89 26.26 12.93
C THR H 114 -2.04 25.33 13.78
N MET H 115 -1.42 25.90 14.80
CA MET H 115 -0.49 25.16 15.68
C MET H 115 -1.28 24.41 16.75
N VAL H 116 -0.93 23.15 16.95
CA VAL H 116 -1.47 22.33 18.07
C VAL H 116 -0.27 21.81 18.86
N THR H 117 -0.15 22.27 20.09
CA THR H 117 0.93 21.86 21.01
C THR H 117 0.30 21.13 22.18
N VAL H 118 0.34 19.80 22.15
CA VAL H 118 -0.04 18.95 23.32
C VAL H 118 1.22 18.77 24.14
N SER H 119 1.22 19.33 25.36
CA SER H 119 2.42 19.32 26.22
C SER H 119 2.02 19.56 27.68
N SER H 120 2.84 19.04 28.58
CA SER H 120 2.74 19.29 30.04
C SER H 120 4.09 18.98 30.68
C1 EDO I . -2.70 30.66 1.24
O1 EDO I . -2.67 29.26 0.87
C2 EDO I . -3.84 30.99 2.14
O2 EDO I . -4.10 29.91 3.06
C1 EDO J . -7.48 -8.20 5.18
O1 EDO J . -8.04 -7.11 4.47
C2 EDO J . -7.85 -8.19 6.62
O2 EDO J . -7.54 -9.41 7.26
#